data_3FKV
#
_entry.id   3FKV
#
_cell.length_a   118.043
_cell.length_b   76.949
_cell.length_c   97.831
_cell.angle_alpha   90.000
_cell.angle_beta   116.230
_cell.angle_gamma   90.000
#
_symmetry.space_group_name_H-M   'C 1 2 1'
#
loop_
_entity.id
_entity.type
_entity.pdbx_description
1 polymer Beta-lactamase
2 non-polymer 'BENZO[B]THIOPHENE-2-BORONIC ACID'
3 non-polymer 'PHOSPHATE ION'
4 non-polymer 'POTASSIUM ION'
5 water water
#
_entity_poly.entity_id   1
_entity_poly.type   'polypeptide(L)'
_entity_poly.pdbx_seq_one_letter_code
;APQQINDIVHRTITPLIEQQKIPGMAVAVIYQGKPYYFTWGYADIAKKQPVTQQTLFELGSVSRTFTGVLGGDAIARGEI
KLSDPTTKYWPELTAKQWNGITLLHLATYTAGGLPLQVPDEVKSSSDLLRFYQNWQPAWAPGTQRLYANSSIGLFGALAV
KPSGLSFEQAMQTRVFQPLKLNHTWINVPPAEEKNYAWGYREGKAVHVSPGALDAEAYGVKSTIEDMARWVQSNLKPLDI
NEKTLQQGIQLAQSRYWQTGDMYQGLGWEMLDWPVNPDSIINGSDNKIALAARPVKAITPPTPAVRASWVHKTGATGGFG
SYVAFIPEKELGIVMLANKNYPNPARVDAAWQILNALQ
;
_entity_poly.pdbx_strand_id   A,B
#
loop_
_chem_comp.id
_chem_comp.type
_chem_comp.name
_chem_comp.formula
BZB non-polymer 'BENZO[B]THIOPHENE-2-BORONIC ACID' 'C8 H7 B O2 S'
K non-polymer 'POTASSIUM ION' 'K 1'
PO4 non-polymer 'PHOSPHATE ION' 'O4 P -3'
#
# COMPACT_ATOMS: atom_id res chain seq x y z
N ALA A 1 -25.98 -2.81 26.13
CA ALA A 1 -25.28 -1.65 25.55
C ALA A 1 -25.38 -0.45 26.50
N PRO A 2 -24.37 0.43 26.49
CA PRO A 2 -24.50 1.74 27.15
C PRO A 2 -25.81 2.40 26.73
N GLN A 3 -26.49 3.05 27.69
CA GLN A 3 -27.77 3.72 27.40
C GLN A 3 -27.61 4.75 26.27
N GLN A 4 -26.45 5.39 26.20
CA GLN A 4 -26.23 6.38 25.16
C GLN A 4 -26.30 5.76 23.76
N ILE A 5 -25.66 4.59 23.60
CA ILE A 5 -25.76 3.87 22.33
C ILE A 5 -27.20 3.44 22.08
N ASN A 6 -27.82 2.79 23.08
CA ASN A 6 -29.22 2.38 23.01
CA ASN A 6 -29.23 2.40 23.02
C ASN A 6 -30.12 3.51 22.54
N ASP A 7 -30.06 4.64 23.24
CA ASP A 7 -30.90 5.80 22.91
C ASP A 7 -30.68 6.36 21.50
N ILE A 8 -29.44 6.61 21.04
CA ILE A 8 -29.26 7.11 19.66
C ILE A 8 -29.79 6.14 18.63
N VAL A 9 -29.45 4.86 18.79
CA VAL A 9 -29.95 3.84 17.87
C VAL A 9 -31.48 3.80 17.85
N HIS A 10 -32.11 3.57 19.00
CA HIS A 10 -33.59 3.48 19.01
C HIS A 10 -34.32 4.73 18.50
N ARG A 11 -33.82 5.91 18.86
CA ARG A 11 -34.42 7.18 18.41
CA ARG A 11 -34.48 7.15 18.40
C ARG A 11 -34.30 7.42 16.90
N THR A 12 -33.29 6.82 16.28
CA THR A 12 -33.03 6.98 14.84
C THR A 12 -33.73 5.91 14.00
N ILE A 13 -33.64 4.67 14.47
CA ILE A 13 -34.07 3.53 13.68
C ILE A 13 -35.57 3.33 13.77
N THR A 14 -36.14 3.51 14.95
CA THR A 14 -37.60 3.40 15.10
C THR A 14 -38.41 4.22 14.07
N PRO A 15 -38.13 5.55 13.93
CA PRO A 15 -38.85 6.35 12.92
C PRO A 15 -38.51 5.94 11.49
N LEU A 16 -37.27 5.49 11.26
CA LEU A 16 -36.88 5.00 9.93
C LEU A 16 -37.77 3.83 9.51
N ILE A 17 -37.91 2.86 10.39
CA ILE A 17 -38.71 1.66 10.12
C ILE A 17 -40.17 2.06 9.83
N GLU A 18 -40.68 3.00 10.61
CA GLU A 18 -42.08 3.43 10.50
C GLU A 18 -42.26 4.15 9.16
N GLN A 19 -41.36 5.10 8.87
CA GLN A 19 -41.45 5.91 7.66
CA GLN A 19 -41.45 5.91 7.67
C GLN A 19 -41.28 5.08 6.37
N GLN A 20 -40.33 4.15 6.37
CA GLN A 20 -40.04 3.36 5.18
C GLN A 20 -40.84 2.06 5.11
N LYS A 21 -41.65 1.82 6.15
CA LYS A 21 -42.41 0.58 6.25
C LYS A 21 -41.53 -0.67 6.06
N ILE A 22 -40.40 -0.69 6.76
CA ILE A 22 -39.45 -1.82 6.67
C ILE A 22 -39.99 -2.98 7.51
N PRO A 23 -40.15 -4.17 6.90
CA PRO A 23 -40.67 -5.34 7.64
C PRO A 23 -39.75 -5.85 8.76
N GLY A 24 -38.44 -5.89 8.51
CA GLY A 24 -37.45 -6.40 9.45
C GLY A 24 -36.10 -5.70 9.29
N MET A 25 -35.40 -5.50 10.40
CA MET A 25 -34.12 -4.82 10.35
C MET A 25 -33.18 -5.31 11.44
N ALA A 26 -31.89 -5.35 11.13
CA ALA A 26 -30.86 -5.58 12.14
C ALA A 26 -29.80 -4.47 12.03
N VAL A 27 -29.31 -4.01 13.17
CA VAL A 27 -28.28 -2.98 13.20
C VAL A 27 -27.19 -3.43 14.17
N ALA A 28 -25.94 -3.17 13.81
CA ALA A 28 -24.80 -3.34 14.73
C ALA A 28 -24.08 -2.00 14.79
N VAL A 29 -23.74 -1.59 16.00
CA VAL A 29 -22.87 -0.42 16.18
C VAL A 29 -21.57 -0.99 16.73
N ILE A 30 -20.46 -0.59 16.13
CA ILE A 30 -19.13 -0.90 16.66
C ILE A 30 -18.58 0.36 17.32
N TYR A 31 -18.27 0.22 18.59
CA TYR A 31 -17.97 1.37 19.43
C TYR A 31 -16.79 1.00 20.29
N GLN A 32 -15.72 1.78 20.16
CA GLN A 32 -14.43 1.46 20.79
C GLN A 32 -14.09 -0.03 20.64
N GLY A 33 -14.34 -0.57 19.46
CA GLY A 33 -13.95 -1.96 19.24
C GLY A 33 -15.02 -3.03 19.42
N LYS A 34 -15.95 -2.80 20.33
CA LYS A 34 -16.94 -3.81 20.70
C LYS A 34 -18.26 -3.60 19.92
N PRO A 35 -18.94 -4.70 19.52
CA PRO A 35 -20.22 -4.61 18.80
C PRO A 35 -21.44 -4.66 19.70
N TYR A 36 -22.47 -3.93 19.29
CA TYR A 36 -23.74 -3.85 20.01
C TYR A 36 -24.84 -4.09 18.99
N TYR A 37 -25.71 -5.05 19.26
CA TYR A 37 -26.70 -5.46 18.26
C TYR A 37 -28.11 -5.06 18.62
N PHE A 38 -28.91 -4.80 17.58
CA PHE A 38 -30.31 -4.38 17.74
C PHE A 38 -31.08 -5.05 16.62
N THR A 39 -32.28 -5.56 16.92
CA THR A 39 -33.10 -6.15 15.87
C THR A 39 -34.57 -5.72 16.04
N TRP A 40 -35.29 -5.64 14.92
CA TRP A 40 -36.72 -5.31 14.88
C TRP A 40 -37.46 -6.13 13.84
N GLY A 41 -38.73 -6.41 14.11
CA GLY A 41 -39.63 -6.88 13.07
C GLY A 41 -39.38 -8.29 12.53
N TYR A 42 -39.71 -8.48 11.26
CA TYR A 42 -39.90 -9.82 10.70
C TYR A 42 -38.92 -10.21 9.62
N ALA A 43 -38.33 -11.40 9.76
CA ALA A 43 -37.53 -12.02 8.71
C ALA A 43 -38.46 -12.62 7.63
N ASP A 44 -39.63 -13.10 8.08
CA ASP A 44 -40.63 -13.77 7.23
C ASP A 44 -41.98 -13.40 7.80
N ILE A 45 -42.67 -12.51 7.08
CA ILE A 45 -43.93 -11.97 7.53
C ILE A 45 -44.97 -13.08 7.63
N ALA A 46 -45.11 -13.89 6.59
CA ALA A 46 -46.16 -14.92 6.57
C ALA A 46 -45.99 -16.01 7.63
N LYS A 47 -44.75 -16.42 7.87
CA LYS A 47 -44.45 -17.46 8.87
C LYS A 47 -44.15 -16.88 10.26
N LYS A 48 -44.30 -15.55 10.39
CA LYS A 48 -44.15 -14.80 11.64
C LYS A 48 -42.80 -14.98 12.33
N GLN A 49 -41.75 -15.12 11.52
CA GLN A 49 -40.40 -15.35 12.06
C GLN A 49 -39.73 -14.00 12.29
N PRO A 50 -39.20 -13.77 13.51
CA PRO A 50 -38.59 -12.49 13.85
C PRO A 50 -37.20 -12.37 13.24
N VAL A 51 -36.73 -11.14 13.07
CA VAL A 51 -35.32 -10.91 12.81
C VAL A 51 -34.56 -11.19 14.10
N THR A 52 -33.48 -11.96 13.99
CA THR A 52 -32.60 -12.19 15.13
C THR A 52 -31.17 -11.90 14.69
N GLN A 53 -30.23 -12.03 15.62
CA GLN A 53 -28.80 -11.82 15.27
C GLN A 53 -28.23 -12.90 14.34
N GLN A 54 -29.01 -13.97 14.14
CA GLN A 54 -28.66 -15.07 13.22
C GLN A 54 -29.34 -15.00 11.85
N THR A 55 -30.24 -14.03 11.66
CA THR A 55 -30.95 -13.89 10.40
C THR A 55 -29.97 -13.52 9.27
N LEU A 56 -30.09 -14.16 8.12
CA LEU A 56 -29.31 -13.82 6.92
C LEU A 56 -30.05 -12.81 6.09
N PHE A 57 -29.34 -11.76 5.68
CA PHE A 57 -29.86 -10.76 4.76
C PHE A 57 -29.01 -10.78 3.51
N GLU A 58 -29.63 -10.48 2.37
CA GLU A 58 -28.90 -10.24 1.13
C GLU A 58 -28.19 -8.90 1.24
N LEU A 59 -26.88 -8.93 1.05
CA LEU A 59 -26.08 -7.70 1.08
C LEU A 59 -26.13 -6.88 -0.19
N GLY A 60 -26.57 -7.48 -1.31
CA GLY A 60 -26.52 -6.76 -2.57
C GLY A 60 -25.08 -6.28 -2.80
N SER A 61 -24.91 -5.04 -3.26
CA SER A 61 -23.59 -4.54 -3.65
C SER A 61 -22.58 -4.33 -2.52
N VAL A 62 -23.03 -4.42 -1.27
CA VAL A 62 -22.07 -4.53 -0.15
C VAL A 62 -21.16 -5.78 -0.34
N SER A 63 -21.64 -6.78 -1.04
CA SER A 63 -20.77 -7.91 -1.48
C SER A 63 -19.48 -7.46 -2.17
N ARG A 64 -19.50 -6.31 -2.85
CA ARG A 64 -18.28 -5.86 -3.54
C ARG A 64 -17.12 -5.52 -2.60
N THR A 65 -17.42 -5.22 -1.32
CA THR A 65 -16.36 -4.99 -0.37
C THR A 65 -15.56 -6.29 -0.15
N PHE A 66 -16.28 -7.43 -0.11
CA PHE A 66 -15.64 -8.73 -0.03
C PHE A 66 -14.85 -9.01 -1.30
N THR A 67 -15.44 -8.73 -2.47
CA THR A 67 -14.73 -8.95 -3.75
C THR A 67 -13.44 -8.11 -3.81
N GLY A 68 -13.54 -6.86 -3.38
CA GLY A 68 -12.39 -5.93 -3.34
C GLY A 68 -11.24 -6.44 -2.50
N VAL A 69 -11.56 -6.87 -1.29
CA VAL A 69 -10.59 -7.46 -0.35
C VAL A 69 -9.99 -8.77 -0.86
N LEU A 70 -10.81 -9.64 -1.45
CA LEU A 70 -10.28 -10.88 -2.01
C LEU A 70 -9.33 -10.59 -3.19
N GLY A 71 -9.67 -9.59 -4.02
CA GLY A 71 -8.77 -9.09 -5.07
C GLY A 71 -7.49 -8.57 -4.45
N GLY A 72 -7.61 -7.76 -3.39
CA GLY A 72 -6.43 -7.19 -2.74
C GLY A 72 -5.54 -8.31 -2.19
N ASP A 73 -6.17 -9.36 -1.69
CA ASP A 73 -5.43 -10.52 -1.11
C ASP A 73 -4.66 -11.23 -2.21
N ALA A 74 -5.28 -11.32 -3.40
CA ALA A 74 -4.61 -11.94 -4.57
C ALA A 74 -3.40 -11.10 -5.03
N ILE A 75 -3.54 -9.78 -5.00
CA ILE A 75 -2.43 -8.86 -5.28
C ILE A 75 -1.27 -9.11 -4.31
N ALA A 76 -1.59 -9.07 -3.00
CA ALA A 76 -0.61 -9.33 -1.95
C ALA A 76 0.06 -10.70 -2.10
N ARG A 77 -0.66 -11.72 -2.57
CA ARG A 77 -0.06 -13.05 -2.82
C ARG A 77 0.85 -13.06 -4.06
N GLY A 78 0.90 -11.96 -4.80
CA GLY A 78 1.55 -11.92 -6.11
C GLY A 78 0.88 -12.73 -7.23
N GLU A 79 -0.39 -13.06 -7.10
CA GLU A 79 -1.08 -13.81 -8.15
C GLU A 79 -1.52 -12.88 -9.30
N ILE A 80 -1.88 -11.65 -8.94
CA ILE A 80 -2.30 -10.65 -9.92
C ILE A 80 -1.67 -9.30 -9.57
N LYS A 81 -1.69 -8.40 -10.55
CA LYS A 81 -1.35 -6.98 -10.33
C LYS A 81 -2.46 -6.11 -10.93
N LEU A 82 -2.81 -5.02 -10.26
CA LEU A 82 -3.85 -4.11 -10.78
C LEU A 82 -3.42 -3.40 -12.08
N SER A 83 -2.11 -3.32 -12.30
CA SER A 83 -1.54 -2.66 -13.46
C SER A 83 -1.55 -3.60 -14.66
N ASP A 84 -1.87 -4.86 -14.44
CA ASP A 84 -1.87 -5.79 -15.57
C ASP A 84 -3.06 -5.59 -16.52
N PRO A 85 -2.86 -5.81 -17.83
CA PRO A 85 -4.02 -5.86 -18.74
C PRO A 85 -5.01 -6.94 -18.41
N THR A 86 -6.29 -6.66 -18.67
CA THR A 86 -7.34 -7.65 -18.48
C THR A 86 -7.02 -8.92 -19.29
N THR A 87 -6.45 -8.72 -20.48
CA THR A 87 -6.17 -9.82 -21.41
C THR A 87 -5.11 -10.81 -20.90
N LYS A 88 -4.27 -10.37 -19.97
CA LYS A 88 -3.34 -11.31 -19.34
C LYS A 88 -4.06 -12.47 -18.63
N TYR A 89 -5.25 -12.20 -18.10
CA TYR A 89 -5.96 -13.23 -17.33
C TYR A 89 -7.15 -13.79 -18.10
N TRP A 90 -7.45 -13.16 -19.24
CA TRP A 90 -8.47 -13.63 -20.18
C TRP A 90 -8.00 -13.46 -21.62
N PRO A 91 -7.10 -14.35 -22.08
CA PRO A 91 -6.46 -14.24 -23.40
C PRO A 91 -7.45 -14.25 -24.57
N GLU A 92 -8.60 -14.89 -24.37
CA GLU A 92 -9.65 -14.93 -25.38
C GLU A 92 -10.32 -13.57 -25.60
N LEU A 93 -10.10 -12.62 -24.68
CA LEU A 93 -10.53 -11.23 -24.92
C LEU A 93 -9.60 -10.55 -25.91
N THR A 94 -9.75 -10.84 -27.20
CA THR A 94 -8.81 -10.31 -28.19
C THR A 94 -9.31 -9.04 -28.86
N ALA A 95 -10.53 -8.59 -28.53
CA ALA A 95 -11.08 -7.42 -29.23
C ALA A 95 -10.25 -6.20 -28.85
N LYS A 96 -9.99 -5.32 -29.82
CA LYS A 96 -8.99 -4.26 -29.66
C LYS A 96 -9.34 -3.18 -28.63
N GLN A 97 -10.63 -3.06 -28.28
CA GLN A 97 -11.04 -2.05 -27.27
C GLN A 97 -10.49 -2.40 -25.89
N TRP A 98 -10.07 -3.66 -25.71
CA TRP A 98 -9.53 -4.14 -24.46
C TRP A 98 -8.08 -3.76 -24.24
N ASN A 99 -7.41 -3.31 -25.31
CA ASN A 99 -6.02 -2.85 -25.18
C ASN A 99 -6.02 -1.62 -24.29
N GLY A 100 -5.29 -1.71 -23.19
CA GLY A 100 -5.16 -0.60 -22.25
C GLY A 100 -6.14 -0.64 -21.08
N ILE A 101 -7.04 -1.62 -21.07
CA ILE A 101 -7.94 -1.82 -19.93
C ILE A 101 -7.33 -2.80 -18.93
N THR A 102 -7.06 -2.32 -17.72
CA THR A 102 -6.34 -3.07 -16.69
C THR A 102 -7.31 -3.55 -15.64
N LEU A 103 -6.84 -4.45 -14.79
CA LEU A 103 -7.67 -4.94 -13.69
C LEU A 103 -8.06 -3.78 -12.76
N LEU A 104 -7.18 -2.79 -12.59
CA LEU A 104 -7.59 -1.59 -11.84
C LEU A 104 -8.87 -0.95 -12.42
N HIS A 105 -8.92 -0.77 -13.74
CA HIS A 105 -10.12 -0.18 -14.39
C HIS A 105 -11.38 -0.97 -14.07
N LEU A 106 -11.29 -2.30 -14.13
CA LEU A 106 -12.44 -3.17 -13.82
C LEU A 106 -12.89 -2.99 -12.37
N ALA A 107 -11.93 -2.98 -11.45
CA ALA A 107 -12.25 -2.96 -10.03
C ALA A 107 -12.91 -1.64 -9.61
N THR A 108 -12.62 -0.55 -10.36
CA THR A 108 -12.99 0.79 -9.95
C THR A 108 -13.98 1.48 -10.88
N TYR A 109 -14.59 0.68 -11.78
CA TYR A 109 -15.64 1.16 -12.72
C TYR A 109 -15.12 2.17 -13.76
N THR A 110 -13.83 2.12 -14.08
CA THR A 110 -13.26 3.16 -14.93
C THR A 110 -12.81 2.61 -16.31
N ALA A 111 -13.35 1.46 -16.74
CA ALA A 111 -12.88 0.78 -17.96
C ALA A 111 -13.31 1.50 -19.25
N GLY A 112 -14.29 2.40 -19.12
CA GLY A 112 -14.77 3.20 -20.24
C GLY A 112 -16.24 2.98 -20.52
N GLY A 113 -17.02 2.70 -19.47
CA GLY A 113 -18.48 2.61 -19.59
C GLY A 113 -19.03 1.19 -19.77
N LEU A 114 -18.46 0.21 -19.07
CA LEU A 114 -19.05 -1.12 -19.01
C LEU A 114 -20.47 -1.00 -18.44
N PRO A 115 -21.42 -1.81 -18.94
CA PRO A 115 -22.82 -1.57 -18.53
C PRO A 115 -23.15 -1.94 -17.09
N LEU A 116 -24.17 -1.26 -16.54
CA LEU A 116 -24.59 -1.46 -15.16
C LEU A 116 -24.93 -2.91 -14.92
N GLN A 117 -25.59 -3.56 -15.87
CA GLN A 117 -26.04 -4.93 -15.72
C GLN A 117 -25.45 -5.85 -16.80
N VAL A 118 -25.09 -7.07 -16.39
CA VAL A 118 -24.89 -8.13 -17.36
C VAL A 118 -26.30 -8.51 -17.84
N PRO A 119 -26.54 -8.56 -19.19
CA PRO A 119 -27.85 -8.95 -19.70
C PRO A 119 -28.31 -10.34 -19.23
N ASP A 120 -29.62 -10.48 -19.03
CA ASP A 120 -30.21 -11.73 -18.61
C ASP A 120 -29.98 -12.83 -19.63
N GLU A 121 -29.90 -12.40 -20.89
CA GLU A 121 -29.63 -13.29 -22.03
C GLU A 121 -28.30 -14.00 -21.88
N VAL A 122 -27.41 -13.47 -21.05
CA VAL A 122 -26.11 -14.09 -20.77
C VAL A 122 -26.26 -15.22 -19.74
N LYS A 123 -26.50 -16.42 -20.24
CA LYS A 123 -26.58 -17.59 -19.36
C LYS A 123 -25.18 -18.18 -19.20
N SER A 124 -24.68 -18.79 -20.27
CA SER A 124 -23.43 -19.53 -20.27
C SER A 124 -22.18 -18.66 -20.29
N SER A 125 -21.01 -19.31 -20.15
CA SER A 125 -19.72 -18.63 -20.13
C SER A 125 -19.24 -18.11 -21.50
N SER A 126 -19.61 -18.81 -22.58
CA SER A 126 -19.29 -18.33 -23.91
C SER A 126 -20.16 -17.12 -24.26
N ASP A 127 -21.38 -17.07 -23.69
CA ASP A 127 -22.24 -15.87 -23.77
C ASP A 127 -21.57 -14.68 -23.12
N LEU A 128 -20.88 -14.95 -22.02
CA LEU A 128 -20.19 -13.92 -21.26
C LEU A 128 -18.99 -13.34 -22.03
N LEU A 129 -18.15 -14.22 -22.59
CA LEU A 129 -17.06 -13.80 -23.49
C LEU A 129 -17.58 -12.96 -24.63
N ARG A 130 -18.65 -13.42 -25.27
CA ARG A 130 -19.25 -12.71 -26.39
C ARG A 130 -19.72 -11.32 -25.98
N PHE A 131 -20.33 -11.24 -24.79
CA PHE A 131 -20.79 -9.97 -24.25
C PHE A 131 -19.61 -8.96 -24.11
N TYR A 132 -18.50 -9.39 -23.51
CA TYR A 132 -17.36 -8.48 -23.31
C TYR A 132 -16.62 -8.13 -24.61
N GLN A 133 -16.54 -9.09 -25.52
CA GLN A 133 -15.92 -8.85 -26.83
C GLN A 133 -16.71 -7.81 -27.65
N ASN A 134 -18.03 -7.88 -27.60
CA ASN A 134 -18.90 -7.03 -28.41
C ASN A 134 -19.15 -5.64 -27.78
N TRP A 135 -18.79 -5.49 -26.52
CA TRP A 135 -19.00 -4.25 -25.81
C TRP A 135 -18.15 -3.12 -26.42
N GLN A 136 -18.79 -1.98 -26.68
CA GLN A 136 -18.12 -0.82 -27.23
C GLN A 136 -18.01 0.30 -26.19
N PRO A 137 -16.79 0.58 -25.71
CA PRO A 137 -16.65 1.64 -24.73
C PRO A 137 -16.98 3.00 -25.30
N ALA A 138 -17.61 3.82 -24.49
CA ALA A 138 -17.91 5.19 -24.88
C ALA A 138 -16.72 6.10 -24.65
N TRP A 139 -15.85 5.73 -23.71
CA TRP A 139 -14.72 6.56 -23.30
C TRP A 139 -13.42 5.78 -23.21
N ALA A 140 -12.31 6.51 -23.23
CA ALA A 140 -11.01 5.90 -22.96
C ALA A 140 -10.97 5.42 -21.50
N PRO A 141 -10.14 4.39 -21.22
CA PRO A 141 -10.02 3.86 -19.85
C PRO A 141 -9.44 4.94 -18.93
N GLY A 142 -9.85 4.92 -17.66
CA GLY A 142 -9.30 5.82 -16.68
C GLY A 142 -9.73 7.27 -16.83
N THR A 143 -10.89 7.52 -17.44
CA THR A 143 -11.37 8.91 -17.62
C THR A 143 -12.71 9.23 -16.95
N GLN A 144 -13.60 8.24 -16.94
CA GLN A 144 -14.88 8.37 -16.26
C GLN A 144 -15.25 7.13 -15.44
N ARG A 145 -15.97 7.36 -14.35
CA ARG A 145 -16.53 6.29 -13.51
C ARG A 145 -18.02 6.09 -13.84
N LEU A 146 -18.39 4.84 -14.07
CA LEU A 146 -19.79 4.43 -14.26
C LEU A 146 -20.02 3.15 -13.45
N TYR A 147 -20.69 3.29 -12.31
CA TYR A 147 -20.98 2.17 -11.43
C TYR A 147 -21.64 1.02 -12.22
N ALA A 148 -21.06 -0.18 -12.13
CA ALA A 148 -21.42 -1.27 -13.05
C ALA A 148 -21.12 -2.64 -12.48
N ASN A 149 -22.15 -3.49 -12.45
CA ASN A 149 -21.93 -4.87 -12.01
C ASN A 149 -20.96 -5.59 -12.94
N SER A 150 -21.00 -5.26 -14.23
CA SER A 150 -20.23 -5.98 -15.23
C SER A 150 -18.72 -5.70 -15.12
N SER A 151 -18.40 -4.62 -14.40
CA SER A 151 -17.02 -4.15 -14.25
C SER A 151 -16.41 -4.83 -13.03
N ILE A 152 -16.98 -4.56 -11.86
CA ILE A 152 -16.51 -5.23 -10.64
C ILE A 152 -16.66 -6.77 -10.69
N GLY A 153 -17.69 -7.24 -11.38
CA GLY A 153 -17.94 -8.68 -11.49
C GLY A 153 -16.85 -9.34 -12.25
N LEU A 154 -16.40 -8.70 -13.33
CA LEU A 154 -15.33 -9.27 -14.13
C LEU A 154 -13.99 -9.24 -13.36
N PHE A 155 -13.76 -8.15 -12.62
CA PHE A 155 -12.59 -8.06 -11.75
C PHE A 155 -12.56 -9.26 -10.78
N GLY A 156 -13.70 -9.57 -10.15
CA GLY A 156 -13.77 -10.66 -9.19
C GLY A 156 -13.40 -12.01 -9.82
N ALA A 157 -14.02 -12.25 -10.98
CA ALA A 157 -13.84 -13.53 -11.68
C ALA A 157 -12.40 -13.68 -12.14
N LEU A 158 -11.79 -12.60 -12.60
CA LEU A 158 -10.43 -12.73 -13.11
C LEU A 158 -9.39 -12.76 -11.99
N ALA A 159 -9.67 -12.05 -10.91
CA ALA A 159 -8.74 -11.97 -9.77
C ALA A 159 -8.40 -13.38 -9.19
N VAL A 160 -9.36 -14.30 -9.25
CA VAL A 160 -9.19 -15.60 -8.61
C VAL A 160 -8.65 -16.64 -9.62
N LYS A 161 -8.53 -16.25 -10.88
CA LYS A 161 -8.10 -17.21 -11.91
C LYS A 161 -6.72 -17.87 -11.66
N PRO A 162 -5.66 -17.07 -11.34
CA PRO A 162 -4.38 -17.72 -11.06
C PRO A 162 -4.41 -18.75 -9.93
N SER A 163 -5.22 -18.53 -8.89
CA SER A 163 -5.37 -19.47 -7.79
C SER A 163 -5.90 -20.84 -8.24
N GLY A 164 -6.68 -20.88 -9.31
CA GLY A 164 -7.34 -22.12 -9.75
C GLY A 164 -8.62 -22.47 -9.02
N LEU A 165 -8.92 -21.65 -8.01
CA LEU A 165 -10.11 -21.81 -7.18
C LEU A 165 -11.30 -21.14 -7.87
N SER A 166 -12.49 -21.72 -7.68
CA SER A 166 -13.70 -21.02 -8.04
C SER A 166 -13.72 -19.75 -7.16
N PHE A 167 -14.42 -18.72 -7.61
CA PHE A 167 -14.58 -17.49 -6.81
C PHE A 167 -15.11 -17.81 -5.41
N GLU A 168 -16.13 -18.65 -5.33
CA GLU A 168 -16.70 -19.05 -4.03
C GLU A 168 -15.70 -19.75 -3.12
N GLN A 169 -14.92 -20.69 -3.67
CA GLN A 169 -13.91 -21.42 -2.90
C GLN A 169 -12.79 -20.48 -2.42
N ALA A 170 -12.34 -19.57 -3.28
CA ALA A 170 -11.35 -18.57 -2.88
C ALA A 170 -11.87 -17.64 -1.78
N MET A 171 -13.12 -17.19 -1.94
CA MET A 171 -13.72 -16.33 -0.93
C MET A 171 -13.83 -17.02 0.43
N GLN A 172 -14.38 -18.24 0.45
CA GLN A 172 -14.47 -19.07 1.69
C GLN A 172 -13.13 -19.27 2.36
N THR A 173 -12.13 -19.71 1.59
CA THR A 173 -10.81 -20.07 2.10
C THR A 173 -9.96 -18.90 2.52
N ARG A 174 -10.03 -17.79 1.77
CA ARG A 174 -9.05 -16.73 1.91
C ARG A 174 -9.60 -15.53 2.65
N VAL A 175 -10.93 -15.46 2.74
CA VAL A 175 -11.57 -14.32 3.42
C VAL A 175 -12.51 -14.71 4.57
N PHE A 176 -13.57 -15.44 4.27
CA PHE A 176 -14.58 -15.80 5.27
C PHE A 176 -13.98 -16.62 6.40
N GLN A 177 -13.29 -17.70 6.03
CA GLN A 177 -12.73 -18.62 7.03
C GLN A 177 -11.71 -17.95 7.96
N PRO A 178 -10.66 -17.28 7.42
CA PRO A 178 -9.69 -16.63 8.31
C PRO A 178 -10.28 -15.61 9.27
N LEU A 179 -11.39 -14.99 8.86
CA LEU A 179 -12.02 -13.92 9.63
C LEU A 179 -13.13 -14.41 10.54
N LYS A 180 -13.33 -15.72 10.57
CA LYS A 180 -14.41 -16.39 11.35
C LYS A 180 -15.81 -15.90 10.97
N LEU A 181 -16.02 -15.67 9.68
CA LEU A 181 -17.31 -15.30 9.18
C LEU A 181 -17.97 -16.60 8.77
N ASN A 182 -18.52 -17.30 9.76
CA ASN A 182 -18.99 -18.67 9.60
C ASN A 182 -20.45 -18.77 9.25
N HIS A 183 -21.08 -17.61 9.09
CA HIS A 183 -22.50 -17.54 8.74
C HIS A 183 -22.66 -16.53 7.61
N THR A 184 -21.70 -16.56 6.69
CA THR A 184 -21.64 -15.67 5.54
C THR A 184 -21.47 -16.59 4.33
N TRP A 185 -22.33 -16.37 3.33
CA TRP A 185 -22.50 -17.34 2.23
C TRP A 185 -22.74 -16.67 0.91
N ILE A 186 -22.15 -17.23 -0.15
CA ILE A 186 -22.55 -16.87 -1.52
C ILE A 186 -23.76 -17.71 -1.92
N ASN A 187 -23.72 -19.01 -1.58
CA ASN A 187 -24.85 -19.89 -1.73
C ASN A 187 -25.31 -20.33 -0.35
N VAL A 188 -26.56 -20.06 0.00
CA VAL A 188 -27.04 -20.39 1.37
C VAL A 188 -27.21 -21.92 1.46
N PRO A 189 -26.51 -22.58 2.40
CA PRO A 189 -26.69 -24.03 2.50
C PRO A 189 -28.08 -24.38 3.05
N PRO A 190 -28.62 -25.55 2.65
CA PRO A 190 -29.91 -26.01 3.16
C PRO A 190 -30.00 -25.95 4.68
N ALA A 191 -28.88 -26.19 5.38
CA ALA A 191 -28.85 -26.14 6.87
C ALA A 191 -29.17 -24.75 7.43
N GLU A 192 -28.94 -23.73 6.61
CA GLU A 192 -29.05 -22.34 7.06
C GLU A 192 -30.29 -21.64 6.53
N GLU A 193 -31.09 -22.34 5.73
CA GLU A 193 -32.28 -21.75 5.08
C GLU A 193 -33.30 -21.20 6.08
N LYS A 194 -33.44 -21.89 7.22
CA LYS A 194 -34.27 -21.45 8.33
C LYS A 194 -34.01 -20.00 8.71
N ASN A 195 -32.76 -19.54 8.54
CA ASN A 195 -32.36 -18.18 8.94
C ASN A 195 -32.35 -17.12 7.82
N TYR A 196 -32.59 -17.57 6.60
CA TYR A 196 -32.59 -16.70 5.44
C TYR A 196 -33.89 -15.89 5.38
N ALA A 197 -33.80 -14.61 5.71
CA ALA A 197 -34.95 -13.70 5.62
C ALA A 197 -35.49 -13.68 4.19
N TRP A 198 -36.78 -13.41 4.04
CA TRP A 198 -37.32 -13.09 2.73
C TRP A 198 -37.12 -11.62 2.52
N GLY A 199 -36.91 -11.19 1.28
CA GLY A 199 -36.98 -9.76 0.95
C GLY A 199 -38.40 -9.40 0.55
N TYR A 200 -38.73 -8.11 0.62
CA TYR A 200 -40.09 -7.65 0.30
C TYR A 200 -40.06 -6.52 -0.73
N ARG A 201 -40.71 -6.78 -1.86
CA ARG A 201 -40.82 -5.81 -2.93
C ARG A 201 -42.26 -5.72 -3.36
N GLU A 202 -42.84 -4.54 -3.20
CA GLU A 202 -44.29 -4.34 -3.45
C GLU A 202 -45.14 -5.35 -2.69
N GLY A 203 -44.76 -5.60 -1.44
CA GLY A 203 -45.48 -6.54 -0.58
C GLY A 203 -45.22 -8.01 -0.83
N LYS A 204 -44.45 -8.34 -1.86
CA LYS A 204 -44.22 -9.75 -2.17
C LYS A 204 -42.84 -10.24 -1.67
N ALA A 205 -42.80 -11.45 -1.11
CA ALA A 205 -41.54 -12.09 -0.67
C ALA A 205 -40.70 -12.52 -1.85
N VAL A 206 -39.43 -12.08 -1.87
CA VAL A 206 -38.54 -12.32 -2.99
C VAL A 206 -37.12 -12.59 -2.49
N HIS A 207 -36.42 -13.44 -3.24
CA HIS A 207 -35.00 -13.62 -3.09
C HIS A 207 -34.31 -13.22 -4.39
N VAL A 208 -33.04 -12.82 -4.31
CA VAL A 208 -32.28 -12.42 -5.49
C VAL A 208 -32.22 -13.59 -6.47
N SER A 209 -32.44 -13.30 -7.75
CA SER A 209 -32.36 -14.29 -8.82
C SER A 209 -30.92 -14.56 -9.26
N PRO A 210 -30.63 -15.80 -9.75
CA PRO A 210 -29.30 -16.09 -10.28
C PRO A 210 -28.99 -15.18 -11.48
N GLY A 211 -27.74 -14.82 -11.64
CA GLY A 211 -27.32 -14.01 -12.78
C GLY A 211 -25.84 -14.20 -12.99
N ALA A 212 -25.37 -13.95 -14.21
CA ALA A 212 -23.92 -14.04 -14.47
C ALA A 212 -23.19 -13.03 -13.58
N LEU A 213 -22.09 -13.50 -13.00
CA LEU A 213 -21.24 -12.71 -12.10
C LEU A 213 -21.98 -12.21 -10.85
N ASP A 214 -23.05 -12.91 -10.47
CA ASP A 214 -23.80 -12.53 -9.27
C ASP A 214 -22.97 -12.59 -7.97
N ALA A 215 -22.20 -13.65 -7.82
CA ALA A 215 -21.41 -13.84 -6.60
C ALA A 215 -20.40 -12.68 -6.41
N GLU A 216 -19.79 -12.28 -7.53
CA GLU A 216 -18.72 -11.26 -7.54
C GLU A 216 -19.27 -9.85 -7.33
N ALA A 217 -20.50 -9.60 -7.76
CA ALA A 217 -21.02 -8.24 -7.72
C ALA A 217 -22.09 -7.97 -6.64
N TYR A 218 -22.94 -8.95 -6.33
CA TYR A 218 -24.04 -8.68 -5.42
C TYR A 218 -24.58 -9.91 -4.66
N GLY A 219 -23.79 -10.95 -4.54
CA GLY A 219 -24.35 -12.26 -4.17
C GLY A 219 -24.18 -12.75 -2.75
N VAL A 220 -23.58 -11.95 -1.87
CA VAL A 220 -23.28 -12.45 -0.52
C VAL A 220 -24.51 -12.26 0.43
N LYS A 221 -24.80 -13.26 1.26
CA LYS A 221 -25.78 -13.12 2.34
C LYS A 221 -25.04 -13.28 3.66
N SER A 222 -25.41 -12.49 4.67
CA SER A 222 -24.71 -12.52 5.94
C SER A 222 -25.63 -12.14 7.10
N THR A 223 -25.18 -12.43 8.33
CA THR A 223 -25.86 -12.02 9.56
C THR A 223 -25.30 -10.70 10.05
N ILE A 224 -26.05 -10.06 10.96
CA ILE A 224 -25.58 -8.84 11.58
C ILE A 224 -24.29 -9.09 12.40
N GLU A 225 -24.15 -10.27 12.99
CA GLU A 225 -22.92 -10.60 13.72
C GLU A 225 -21.68 -10.69 12.81
N ASP A 226 -21.80 -11.41 11.71
CA ASP A 226 -20.67 -11.54 10.78
C ASP A 226 -20.32 -10.20 10.14
N MET A 227 -21.36 -9.39 9.83
CA MET A 227 -21.11 -8.05 9.28
C MET A 227 -20.41 -7.14 10.26
N ALA A 228 -20.77 -7.22 11.54
CA ALA A 228 -20.02 -6.48 12.57
C ALA A 228 -18.54 -6.92 12.63
N ARG A 229 -18.30 -8.23 12.57
CA ARG A 229 -16.95 -8.78 12.54
C ARG A 229 -16.20 -8.28 11.28
N TRP A 230 -16.89 -8.27 10.15
CA TRP A 230 -16.33 -7.67 8.91
C TRP A 230 -15.88 -6.21 9.11
N VAL A 231 -16.74 -5.38 9.72
CA VAL A 231 -16.42 -3.98 10.01
C VAL A 231 -15.20 -3.88 10.94
N GLN A 232 -15.18 -4.70 12.00
CA GLN A 232 -14.01 -4.75 12.90
C GLN A 232 -12.71 -5.04 12.13
N SER A 233 -12.76 -6.03 11.24
CA SER A 233 -11.60 -6.43 10.41
C SER A 233 -11.13 -5.27 9.52
N ASN A 234 -12.08 -4.53 8.97
CA ASN A 234 -11.76 -3.37 8.15
C ASN A 234 -11.32 -2.12 8.94
N LEU A 235 -11.76 -2.02 10.19
CA LEU A 235 -11.32 -0.94 11.09
C LEU A 235 -9.87 -1.13 11.55
N LYS A 236 -9.49 -2.38 11.78
CA LYS A 236 -8.19 -2.69 12.34
C LYS A 236 -7.51 -3.82 11.56
N PRO A 237 -7.16 -3.56 10.30
CA PRO A 237 -6.62 -4.65 9.46
C PRO A 237 -5.29 -5.20 9.98
N LEU A 238 -4.50 -4.33 10.59
CA LEU A 238 -3.15 -4.68 11.04
C LEU A 238 -3.18 -5.60 12.25
N ASP A 239 -4.37 -5.90 12.74
CA ASP A 239 -4.53 -6.88 13.80
C ASP A 239 -4.91 -8.26 13.25
N ILE A 240 -5.05 -8.38 11.93
CA ILE A 240 -5.35 -9.67 11.31
C ILE A 240 -4.03 -10.43 11.12
N ASN A 241 -4.02 -11.72 11.45
CA ASN A 241 -2.78 -12.50 11.39
C ASN A 241 -2.29 -12.93 10.00
N GLU A 242 -3.22 -13.19 9.09
CA GLU A 242 -2.87 -13.64 7.74
C GLU A 242 -2.36 -12.43 7.00
N LYS A 243 -1.06 -12.45 6.67
CA LYS A 243 -0.39 -11.28 6.12
C LYS A 243 -1.00 -10.75 4.82
N THR A 244 -1.29 -11.64 3.89
CA THR A 244 -1.83 -11.19 2.59
C THR A 244 -3.24 -10.62 2.74
N LEU A 245 -3.99 -11.17 3.71
CA LEU A 245 -5.37 -10.70 3.95
C LEU A 245 -5.33 -9.31 4.58
N GLN A 246 -4.41 -9.11 5.50
CA GLN A 246 -4.14 -7.81 6.05
C GLN A 246 -3.80 -6.78 4.96
N GLN A 247 -2.91 -7.14 4.02
CA GLN A 247 -2.57 -6.26 2.93
CA GLN A 247 -2.59 -6.22 2.96
C GLN A 247 -3.79 -6.02 2.05
N GLY A 248 -4.51 -7.10 1.76
CA GLY A 248 -5.71 -7.02 0.92
C GLY A 248 -6.76 -6.03 1.40
N ILE A 249 -7.03 -6.03 2.71
CA ILE A 249 -7.87 -5.02 3.34
C ILE A 249 -7.33 -3.62 3.14
N GLN A 250 -6.05 -3.41 3.42
CA GLN A 250 -5.51 -2.08 3.22
CA GLN A 250 -5.44 -2.11 3.22
C GLN A 250 -5.56 -1.66 1.77
N LEU A 251 -5.31 -2.59 0.83
CA LEU A 251 -5.40 -2.22 -0.60
C LEU A 251 -6.85 -1.85 -1.02
N ALA A 252 -7.84 -2.47 -0.41
CA ALA A 252 -9.22 -2.17 -0.83
C ALA A 252 -9.69 -0.77 -0.36
N GLN A 253 -9.06 -0.27 0.70
CA GLN A 253 -9.36 1.07 1.24
C GLN A 253 -8.43 2.12 0.74
N SER A 254 -7.58 1.78 -0.23
CA SER A 254 -6.71 2.78 -0.84
C SER A 254 -7.55 3.68 -1.75
N ARG A 255 -7.13 4.92 -1.95
CA ARG A 255 -7.87 5.84 -2.83
C ARG A 255 -7.26 5.87 -4.23
N TYR A 256 -8.00 5.35 -5.22
CA TYR A 256 -7.49 5.23 -6.62
C TYR A 256 -7.93 6.39 -7.56
N TRP A 257 -9.13 6.91 -7.30
CA TRP A 257 -9.79 7.90 -8.16
C TRP A 257 -10.60 8.81 -7.26
N GLN A 258 -10.75 10.06 -7.68
CA GLN A 258 -11.59 11.03 -6.98
C GLN A 258 -12.63 11.61 -7.94
N THR A 259 -13.87 11.61 -7.48
CA THR A 259 -15.00 12.30 -8.13
C THR A 259 -15.67 13.13 -7.04
N GLY A 260 -15.57 14.45 -7.12
CA GLY A 260 -16.16 15.32 -6.10
C GLY A 260 -15.43 15.14 -4.79
N ASP A 261 -16.19 14.89 -3.72
CA ASP A 261 -15.61 14.57 -2.42
C ASP A 261 -15.41 13.07 -2.19
N MET A 262 -15.71 12.25 -3.20
CA MET A 262 -15.69 10.79 -3.04
C MET A 262 -14.43 10.17 -3.66
N TYR A 263 -13.89 9.15 -3.02
CA TYR A 263 -12.73 8.40 -3.52
C TYR A 263 -13.17 6.96 -3.72
N GLN A 264 -12.72 6.35 -4.81
CA GLN A 264 -13.04 4.97 -5.10
C GLN A 264 -11.92 4.04 -4.63
N GLY A 265 -12.27 3.09 -3.77
CA GLY A 265 -11.35 1.96 -3.43
C GLY A 265 -11.69 0.71 -4.23
N LEU A 266 -11.29 -0.45 -3.72
CA LEU A 266 -11.76 -1.70 -4.31
C LEU A 266 -12.98 -2.17 -3.50
N GLY A 267 -14.16 -1.96 -4.08
CA GLY A 267 -15.44 -2.22 -3.37
C GLY A 267 -15.83 -1.06 -2.50
N TRP A 268 -15.01 -0.76 -1.48
CA TRP A 268 -15.25 0.37 -0.60
C TRP A 268 -15.17 1.71 -1.35
N GLU A 269 -15.92 2.67 -0.84
CA GLU A 269 -15.85 4.08 -1.27
C GLU A 269 -15.60 4.91 -0.02
N MET A 270 -14.85 6.01 -0.19
CA MET A 270 -14.35 6.78 0.97
C MET A 270 -14.51 8.27 0.77
N LEU A 271 -14.70 8.99 1.89
CA LEU A 271 -14.61 10.45 1.90
C LEU A 271 -13.71 10.83 3.07
N ASP A 272 -13.04 11.97 2.96
CA ASP A 272 -12.32 12.51 4.12
C ASP A 272 -13.28 12.79 5.29
N TRP A 273 -12.86 12.37 6.48
CA TRP A 273 -13.61 12.66 7.70
C TRP A 273 -12.96 13.88 8.42
N PRO A 274 -13.78 14.84 8.90
CA PRO A 274 -15.25 14.84 8.92
C PRO A 274 -15.90 15.23 7.60
N VAL A 275 -17.15 14.83 7.44
CA VAL A 275 -17.92 15.14 6.25
C VAL A 275 -19.39 15.32 6.61
N ASN A 276 -20.07 16.23 5.92
CA ASN A 276 -21.51 16.42 6.10
C ASN A 276 -22.25 15.39 5.26
N PRO A 277 -23.36 14.84 5.79
CA PRO A 277 -24.17 13.82 5.10
C PRO A 277 -24.70 14.25 3.72
N ASP A 278 -24.95 15.54 3.53
CA ASP A 278 -25.28 16.09 2.21
C ASP A 278 -24.24 15.68 1.19
N SER A 279 -22.99 15.75 1.61
CA SER A 279 -21.88 15.34 0.77
C SER A 279 -21.85 13.82 0.59
N ILE A 280 -22.21 13.07 1.64
CA ILE A 280 -22.16 11.60 1.59
C ILE A 280 -23.18 11.09 0.58
N ILE A 281 -24.45 11.46 0.79
CA ILE A 281 -25.57 11.26 -0.15
C ILE A 281 -25.18 11.58 -1.62
N ASN A 282 -24.84 12.84 -1.88
CA ASN A 282 -24.48 13.32 -3.21
C ASN A 282 -23.24 12.64 -3.83
N GLY A 283 -22.25 12.36 -2.98
CA GLY A 283 -21.07 11.59 -3.39
C GLY A 283 -21.28 10.08 -3.28
N SER A 284 -22.50 9.62 -3.55
CA SER A 284 -22.86 8.19 -3.58
C SER A 284 -24.24 7.97 -4.22
N LYS A 287 -31.43 7.68 -6.70
CA LYS A 287 -32.54 7.70 -7.66
C LYS A 287 -32.08 7.66 -9.13
N ILE A 288 -30.77 7.58 -9.36
CA ILE A 288 -30.18 7.67 -10.70
C ILE A 288 -29.72 6.33 -11.22
N ALA A 289 -30.35 5.88 -12.30
CA ALA A 289 -30.06 4.60 -12.93
C ALA A 289 -28.62 4.52 -13.49
N LEU A 290 -28.11 5.64 -14.00
CA LEU A 290 -26.80 5.74 -14.64
C LEU A 290 -26.28 7.17 -14.33
N ALA A 291 -25.09 7.27 -13.71
CA ALA A 291 -24.50 8.58 -13.41
C ALA A 291 -23.05 8.50 -13.85
N ALA A 292 -22.74 9.08 -15.01
CA ALA A 292 -21.38 9.07 -15.52
C ALA A 292 -20.65 10.28 -14.94
N ARG A 293 -19.51 10.04 -14.29
CA ARG A 293 -18.78 11.12 -13.66
CA ARG A 293 -18.78 11.10 -13.61
C ARG A 293 -17.30 11.10 -14.04
N PRO A 294 -16.76 12.25 -14.47
CA PRO A 294 -15.32 12.28 -14.71
C PRO A 294 -14.55 11.98 -13.44
N VAL A 295 -13.43 11.28 -13.56
CA VAL A 295 -12.56 10.95 -12.43
C VAL A 295 -11.15 11.52 -12.59
N LYS A 296 -10.55 11.89 -11.46
CA LYS A 296 -9.16 12.29 -11.43
C LYS A 296 -8.37 11.13 -10.84
N ALA A 297 -7.30 10.69 -11.52
CA ALA A 297 -6.44 9.61 -11.00
C ALA A 297 -5.69 10.09 -9.77
N ILE A 298 -5.61 9.24 -8.77
CA ILE A 298 -4.75 9.56 -7.63
CA ILE A 298 -4.77 9.53 -7.60
C ILE A 298 -3.47 8.78 -7.86
N THR A 299 -2.42 9.54 -8.17
CA THR A 299 -1.19 9.02 -8.70
C THR A 299 0.02 9.30 -7.80
N PRO A 300 0.47 8.29 -7.02
CA PRO A 300 -0.08 6.93 -6.93
C PRO A 300 -1.20 6.89 -5.87
N PRO A 301 -1.94 5.77 -5.78
CA PRO A 301 -3.04 5.69 -4.79
C PRO A 301 -2.62 6.00 -3.36
N THR A 302 -3.48 6.72 -2.64
CA THR A 302 -3.25 6.96 -1.22
C THR A 302 -3.60 5.70 -0.44
N PRO A 303 -2.64 5.19 0.37
CA PRO A 303 -2.89 4.05 1.26
C PRO A 303 -4.02 4.39 2.20
N ALA A 304 -4.74 3.38 2.67
CA ALA A 304 -5.89 3.62 3.59
C ALA A 304 -5.70 4.82 4.58
N VAL A 305 -6.53 5.85 4.44
CA VAL A 305 -6.45 7.00 5.35
C VAL A 305 -7.34 6.72 6.59
N ARG A 306 -6.76 6.67 7.79
CA ARG A 306 -7.59 6.49 9.01
C ARG A 306 -8.68 7.55 9.21
N ALA A 307 -8.38 8.80 8.83
CA ALA A 307 -9.40 9.89 8.88
C ALA A 307 -10.35 9.87 7.67
N SER A 308 -11.10 8.76 7.53
CA SER A 308 -12.03 8.59 6.43
C SER A 308 -13.38 8.11 6.91
N TRP A 309 -14.43 8.50 6.19
CA TRP A 309 -15.75 7.82 6.23
C TRP A 309 -15.68 6.78 5.11
N VAL A 310 -15.65 5.50 5.49
CA VAL A 310 -15.51 4.41 4.51
C VAL A 310 -16.86 3.71 4.49
N HIS A 311 -17.42 3.50 3.31
CA HIS A 311 -18.80 3.03 3.25
C HIS A 311 -19.15 2.26 1.98
N LYS A 312 -20.30 1.57 2.01
CA LYS A 312 -20.87 0.98 0.81
C LYS A 312 -22.37 0.75 1.06
N THR A 313 -23.19 1.15 0.08
CA THR A 313 -24.63 0.82 0.09
C THR A 313 -24.85 -0.46 -0.70
N GLY A 314 -25.97 -1.14 -0.43
CA GLY A 314 -26.23 -2.38 -1.14
C GLY A 314 -27.70 -2.58 -1.29
N ALA A 315 -28.11 -3.08 -2.45
CA ALA A 315 -29.54 -3.37 -2.65
C ALA A 315 -29.76 -4.58 -3.52
N THR A 316 -30.79 -5.34 -3.18
CA THR A 316 -31.35 -6.30 -4.15
C THR A 316 -32.83 -5.93 -4.30
N GLY A 317 -33.56 -6.73 -5.09
CA GLY A 317 -34.98 -6.46 -5.28
C GLY A 317 -35.71 -6.26 -3.96
N GLY A 318 -35.36 -7.09 -2.98
CA GLY A 318 -36.05 -7.15 -1.69
C GLY A 318 -35.28 -6.67 -0.47
N PHE A 319 -34.04 -6.21 -0.63
CA PHE A 319 -33.22 -5.87 0.54
C PHE A 319 -32.46 -4.56 0.35
N GLY A 320 -32.17 -3.89 1.45
CA GLY A 320 -31.32 -2.70 1.46
C GLY A 320 -30.35 -2.75 2.62
N SER A 321 -29.08 -2.58 2.29
CA SER A 321 -28.03 -2.66 3.30
C SER A 321 -27.13 -1.43 3.23
N TYR A 322 -26.43 -1.20 4.34
CA TYR A 322 -25.48 -0.10 4.43
C TYR A 322 -24.42 -0.43 5.49
N VAL A 323 -23.17 -0.09 5.18
CA VAL A 323 -22.05 -0.25 6.10
C VAL A 323 -21.22 1.00 6.00
N ALA A 324 -20.84 1.55 7.15
CA ALA A 324 -19.97 2.73 7.18
C ALA A 324 -19.10 2.63 8.44
N PHE A 325 -17.86 3.07 8.33
CA PHE A 325 -16.98 3.08 9.50
C PHE A 325 -15.95 4.20 9.37
N ILE A 326 -15.43 4.60 10.53
CA ILE A 326 -14.44 5.67 10.62
C ILE A 326 -13.25 5.14 11.42
N PRO A 327 -12.19 4.67 10.72
CA PRO A 327 -11.04 4.06 11.37
C PRO A 327 -10.44 4.90 12.48
N GLU A 328 -10.37 6.23 12.30
CA GLU A 328 -9.76 7.13 13.28
CA GLU A 328 -9.72 7.06 13.31
C GLU A 328 -10.50 7.09 14.63
N LYS A 329 -11.81 6.85 14.54
CA LYS A 329 -12.69 6.86 15.74
C LYS A 329 -13.03 5.49 16.27
N GLU A 330 -12.51 4.44 15.64
CA GLU A 330 -12.80 3.02 15.95
C GLU A 330 -14.31 2.79 16.01
N LEU A 331 -15.03 3.35 15.04
CA LEU A 331 -16.48 3.46 15.09
C LEU A 331 -17.05 2.92 13.79
N GLY A 332 -18.14 2.18 13.85
CA GLY A 332 -18.78 1.72 12.60
C GLY A 332 -20.23 1.29 12.82
N ILE A 333 -20.92 1.04 11.71
CA ILE A 333 -22.32 0.66 11.79
C ILE A 333 -22.64 -0.21 10.58
N VAL A 334 -23.56 -1.14 10.80
CA VAL A 334 -24.13 -1.98 9.75
C VAL A 334 -25.64 -1.92 9.93
N MET A 335 -26.36 -1.67 8.83
CA MET A 335 -27.82 -1.65 8.86
C MET A 335 -28.27 -2.59 7.74
N LEU A 336 -29.00 -3.65 8.11
CA LEU A 336 -29.48 -4.64 7.16
C LEU A 336 -30.99 -4.70 7.24
N ALA A 337 -31.66 -4.55 6.10
CA ALA A 337 -33.11 -4.53 6.08
C ALA A 337 -33.64 -5.39 4.93
N ASN A 338 -34.83 -6.00 5.11
CA ASN A 338 -35.45 -6.79 4.04
C ASN A 338 -36.53 -5.97 3.33
N LYS A 339 -36.17 -4.71 3.07
CA LYS A 339 -36.79 -3.88 2.04
C LYS A 339 -35.71 -2.99 1.42
N ASN A 340 -35.75 -2.82 0.09
CA ASN A 340 -34.90 -1.85 -0.57
C ASN A 340 -35.51 -0.45 -0.47
N TYR A 341 -35.04 0.34 0.48
CA TYR A 341 -35.60 1.68 0.76
C TYR A 341 -34.54 2.72 0.37
N PRO A 342 -34.93 3.98 0.12
CA PRO A 342 -33.96 4.95 -0.45
C PRO A 342 -32.62 5.09 0.29
N ASN A 343 -31.53 5.08 -0.49
CA ASN A 343 -30.19 5.32 0.06
C ASN A 343 -30.02 6.56 0.96
N PRO A 344 -30.57 7.73 0.55
CA PRO A 344 -30.41 8.91 1.42
C PRO A 344 -30.90 8.69 2.85
N ALA A 345 -31.99 7.93 3.02
CA ALA A 345 -32.50 7.60 4.34
C ALA A 345 -31.54 6.73 5.16
N ARG A 346 -30.84 5.80 4.48
CA ARG A 346 -29.82 4.95 5.12
C ARG A 346 -28.67 5.79 5.63
N VAL A 347 -28.13 6.63 4.75
CA VAL A 347 -26.99 7.45 5.08
C VAL A 347 -27.33 8.43 6.20
N ASP A 348 -28.49 9.07 6.10
CA ASP A 348 -28.93 10.01 7.14
CA ASP A 348 -28.91 10.02 7.14
C ASP A 348 -28.91 9.34 8.51
N ALA A 349 -29.57 8.18 8.60
CA ALA A 349 -29.64 7.42 9.86
C ALA A 349 -28.26 7.02 10.39
N ALA A 350 -27.40 6.47 9.52
CA ALA A 350 -26.04 6.11 9.89
C ALA A 350 -25.23 7.32 10.38
N TRP A 351 -25.38 8.45 9.68
CA TRP A 351 -24.65 9.65 10.07
C TRP A 351 -25.13 10.16 11.42
N GLN A 352 -26.45 10.20 11.62
CA GLN A 352 -27.03 10.59 12.91
CA GLN A 352 -26.99 10.63 12.93
C GLN A 352 -26.42 9.79 14.07
N ILE A 353 -26.37 8.47 13.88
CA ILE A 353 -25.81 7.55 14.88
C ILE A 353 -24.31 7.77 15.10
N LEU A 354 -23.50 7.71 14.05
CA LEU A 354 -22.05 7.83 14.24
C LEU A 354 -21.63 9.21 14.74
N ASN A 355 -22.22 10.26 14.16
CA ASN A 355 -21.92 11.61 14.63
C ASN A 355 -22.17 11.77 16.14
N ALA A 356 -23.27 11.19 16.62
CA ALA A 356 -23.64 11.26 18.04
C ALA A 356 -22.64 10.53 18.93
N LEU A 357 -21.99 9.51 18.38
CA LEU A 357 -21.10 8.66 19.16
C LEU A 357 -19.63 9.08 19.10
N GLN A 358 -19.32 10.06 18.26
CA GLN A 358 -17.93 10.51 18.13
C GLN A 358 -17.67 11.87 18.79
N ALA B 1 29.20 -19.11 13.42
CA ALA B 1 28.31 -19.20 12.23
C ALA B 1 28.36 -20.60 11.62
N PRO B 2 27.25 -21.02 10.97
CA PRO B 2 27.31 -22.25 10.17
C PRO B 2 28.51 -22.25 9.22
N GLN B 3 29.10 -23.42 9.04
CA GLN B 3 30.29 -23.57 8.23
C GLN B 3 30.05 -23.10 6.80
N GLN B 4 28.83 -23.30 6.30
CA GLN B 4 28.48 -22.87 4.93
C GLN B 4 28.66 -21.36 4.74
N ILE B 5 28.23 -20.60 5.73
CA ILE B 5 28.31 -19.16 5.70
C ILE B 5 29.77 -18.72 5.86
N ASN B 6 30.46 -19.30 6.85
CA ASN B 6 31.87 -18.92 7.07
C ASN B 6 32.74 -19.16 5.84
N ASP B 7 32.53 -20.29 5.19
CA ASP B 7 33.30 -20.69 4.02
C ASP B 7 33.10 -19.71 2.87
N ILE B 8 31.85 -19.44 2.50
CA ILE B 8 31.61 -18.56 1.33
C ILE B 8 32.01 -17.09 1.60
N VAL B 9 31.80 -16.62 2.83
CA VAL B 9 32.18 -15.26 3.18
C VAL B 9 33.72 -15.12 3.12
N HIS B 10 34.45 -16.10 3.66
CA HIS B 10 35.93 -16.02 3.70
C HIS B 10 36.49 -16.17 2.29
N ARG B 11 35.89 -17.06 1.47
CA ARG B 11 36.26 -17.26 0.06
CA ARG B 11 36.38 -17.21 0.10
C ARG B 11 36.04 -16.04 -0.81
N THR B 12 35.05 -15.22 -0.45
CA THR B 12 34.58 -14.11 -1.29
C THR B 12 35.07 -12.74 -0.80
N ILE B 13 34.77 -12.41 0.45
CA ILE B 13 35.15 -11.08 0.96
C ILE B 13 36.64 -10.97 1.24
N THR B 14 37.23 -12.00 1.85
CA THR B 14 38.65 -11.84 2.23
C THR B 14 39.51 -11.51 0.98
N PRO B 15 39.37 -12.27 -0.13
CA PRO B 15 40.08 -11.89 -1.36
C PRO B 15 39.70 -10.53 -1.98
N LEU B 16 38.41 -10.19 -1.93
CA LEU B 16 37.95 -8.85 -2.31
C LEU B 16 38.72 -7.71 -1.61
N ILE B 17 38.88 -7.82 -0.29
CA ILE B 17 39.62 -6.84 0.51
C ILE B 17 41.08 -6.73 0.01
N GLU B 18 41.71 -7.87 -0.27
CA GLU B 18 43.08 -7.86 -0.84
C GLU B 18 43.14 -7.18 -2.22
N GLN B 19 42.24 -7.58 -3.12
CA GLN B 19 42.16 -7.05 -4.47
C GLN B 19 41.91 -5.54 -4.50
N GLN B 20 41.07 -5.05 -3.58
CA GLN B 20 40.64 -3.66 -3.60
C GLN B 20 41.43 -2.80 -2.61
N LYS B 21 42.32 -3.42 -1.85
CA LYS B 21 43.13 -2.73 -0.84
C LYS B 21 42.27 -1.95 0.18
N ILE B 22 41.18 -2.59 0.61
CA ILE B 22 40.27 -2.04 1.61
C ILE B 22 40.90 -2.06 3.02
N PRO B 23 41.05 -0.88 3.66
CA PRO B 23 41.68 -0.91 4.99
C PRO B 23 40.90 -1.62 6.09
N GLY B 24 39.56 -1.56 6.04
CA GLY B 24 38.72 -2.14 7.10
C GLY B 24 37.34 -2.44 6.56
N MET B 25 36.73 -3.51 7.05
CA MET B 25 35.44 -3.96 6.51
C MET B 25 34.67 -4.70 7.57
N ALA B 26 33.35 -4.47 7.60
CA ALA B 26 32.45 -5.30 8.41
C ALA B 26 31.38 -5.86 7.47
N VAL B 27 31.00 -7.11 7.71
CA VAL B 27 29.96 -7.77 6.92
C VAL B 27 28.98 -8.45 7.89
N ALA B 28 27.69 -8.32 7.62
CA ALA B 28 26.68 -9.13 8.31
C ALA B 28 26.00 -9.98 7.24
N VAL B 29 25.79 -11.25 7.54
CA VAL B 29 24.94 -12.10 6.73
C VAL B 29 23.71 -12.43 7.56
N ILE B 30 22.54 -12.22 6.98
CA ILE B 30 21.30 -12.58 7.65
C ILE B 30 20.83 -13.86 6.99
N TYR B 31 20.73 -14.92 7.79
CA TYR B 31 20.46 -16.25 7.24
C TYR B 31 19.38 -16.87 8.09
N GLN B 32 18.29 -17.27 7.42
CA GLN B 32 17.06 -17.72 8.09
C GLN B 32 16.67 -16.74 9.18
N GLY B 33 16.80 -15.46 8.86
CA GLY B 33 16.44 -14.40 9.79
C GLY B 33 17.42 -14.03 10.89
N LYS B 34 18.53 -14.77 11.05
CA LYS B 34 19.51 -14.50 12.12
C LYS B 34 20.78 -13.87 11.55
N PRO B 35 21.39 -12.93 12.31
CA PRO B 35 22.61 -12.24 11.85
C PRO B 35 23.92 -12.93 12.23
N TYR B 36 24.87 -12.96 11.31
CA TYR B 36 26.22 -13.46 11.56
C TYR B 36 27.21 -12.38 11.14
N TYR B 37 28.27 -12.17 11.92
CA TYR B 37 29.14 -11.00 11.71
C TYR B 37 30.59 -11.37 11.41
N PHE B 38 31.21 -10.54 10.58
CA PHE B 38 32.56 -10.78 10.08
C PHE B 38 33.25 -9.44 10.04
N THR B 39 34.52 -9.41 10.44
CA THR B 39 35.27 -8.17 10.47
C THR B 39 36.70 -8.35 10.01
N TRP B 40 37.26 -7.31 9.40
CA TRP B 40 38.64 -7.33 8.93
C TRP B 40 39.25 -5.97 9.11
N GLY B 41 40.54 -5.95 9.43
CA GLY B 41 41.31 -4.70 9.32
C GLY B 41 41.01 -3.64 10.33
N TYR B 42 41.23 -2.40 9.91
CA TYR B 42 41.28 -1.24 10.80
C TYR B 42 40.23 -0.19 10.45
N ALA B 43 39.55 0.32 11.49
CA ALA B 43 38.70 1.51 11.35
C ALA B 43 39.56 2.79 11.26
N ASP B 44 40.72 2.76 11.91
CA ASP B 44 41.68 3.85 11.96
C ASP B 44 43.08 3.21 11.83
N ILE B 45 43.68 3.42 10.65
CA ILE B 45 44.96 2.79 10.30
C ILE B 45 46.10 3.31 11.19
N ALA B 46 46.22 4.64 11.27
CA ALA B 46 47.29 5.26 12.06
C ALA B 46 47.26 4.81 13.52
N LYS B 47 46.07 4.72 14.09
CA LYS B 47 45.93 4.28 15.49
C LYS B 47 45.83 2.78 15.64
N LYS B 48 45.85 2.05 14.53
CA LYS B 48 45.61 0.60 14.53
C LYS B 48 44.39 0.18 15.36
N GLN B 49 43.30 0.92 15.21
CA GLN B 49 42.04 0.57 15.84
C GLN B 49 41.30 -0.41 14.95
N PRO B 50 40.99 -1.61 15.48
CA PRO B 50 40.34 -2.58 14.60
C PRO B 50 38.88 -2.22 14.30
N VAL B 51 38.39 -2.73 13.18
CA VAL B 51 36.94 -2.78 12.95
C VAL B 51 36.31 -3.74 13.96
N THR B 52 35.27 -3.28 14.64
CA THR B 52 34.50 -4.12 15.54
C THR B 52 32.99 -3.97 15.21
N GLN B 53 32.16 -4.69 15.95
CA GLN B 53 30.70 -4.57 15.84
C GLN B 53 30.17 -3.18 16.22
N GLN B 54 31.02 -2.38 16.85
CA GLN B 54 30.67 -1.05 17.35
C GLN B 54 31.15 0.05 16.40
N THR B 55 31.90 -0.32 15.36
CA THR B 55 32.47 0.68 14.43
C THR B 55 31.38 1.30 13.57
N LEU B 56 31.32 2.63 13.55
CA LEU B 56 30.41 3.36 12.66
C LEU B 56 31.06 3.62 11.32
N PHE B 57 30.34 3.28 10.25
CA PHE B 57 30.76 3.58 8.88
C PHE B 57 29.79 4.60 8.26
N GLU B 58 30.29 5.46 7.36
CA GLU B 58 29.40 6.29 6.55
C GLU B 58 28.67 5.40 5.56
N LEU B 59 27.35 5.51 5.56
CA LEU B 59 26.54 4.71 4.62
C LEU B 59 26.44 5.30 3.22
N GLY B 60 26.76 6.58 3.10
CA GLY B 60 26.53 7.28 1.81
C GLY B 60 25.07 7.08 1.40
N SER B 61 24.85 6.79 0.12
CA SER B 61 23.47 6.75 -0.39
C SER B 61 22.59 5.59 0.10
N VAL B 62 23.18 4.62 0.80
CA VAL B 62 22.35 3.70 1.58
C VAL B 62 21.37 4.45 2.53
N SER B 63 21.77 5.66 2.92
CA SER B 63 20.94 6.55 3.77
C SER B 63 19.56 6.78 3.15
N ARG B 64 19.49 6.77 1.81
CA ARG B 64 18.20 6.95 1.10
C ARG B 64 17.14 5.90 1.44
N THR B 65 17.56 4.71 1.84
CA THR B 65 16.60 3.68 2.26
C THR B 65 15.90 4.13 3.56
N PHE B 66 16.65 4.75 4.47
CA PHE B 66 16.06 5.35 5.68
C PHE B 66 15.15 6.51 5.32
N THR B 67 15.58 7.35 4.37
CA THR B 67 14.75 8.50 3.94
C THR B 67 13.42 7.98 3.34
N GLY B 68 13.52 6.96 2.49
CA GLY B 68 12.35 6.34 1.85
C GLY B 68 11.35 5.77 2.85
N VAL B 69 11.87 5.03 3.83
CA VAL B 69 11.04 4.43 4.89
C VAL B 69 10.40 5.51 5.81
N LEU B 70 11.17 6.57 6.15
CA LEU B 70 10.62 7.72 6.89
C LEU B 70 9.49 8.43 6.10
N GLY B 71 9.69 8.61 4.80
CA GLY B 71 8.61 9.14 3.96
C GLY B 71 7.42 8.19 3.96
N GLY B 72 7.69 6.90 3.86
CA GLY B 72 6.64 5.87 3.89
C GLY B 72 5.83 5.93 5.18
N ASP B 73 6.54 6.11 6.29
CA ASP B 73 5.91 6.25 7.59
C ASP B 73 5.00 7.49 7.64
N ALA B 74 5.45 8.60 7.07
CA ALA B 74 4.65 9.83 7.06
C ALA B 74 3.39 9.68 6.19
N ILE B 75 3.50 8.92 5.09
CA ILE B 75 2.29 8.59 4.30
C ILE B 75 1.32 7.78 5.17
N ALA B 76 1.81 6.74 5.84
CA ALA B 76 0.94 5.88 6.69
C ALA B 76 0.25 6.67 7.81
N ARG B 77 0.93 7.71 8.28
CA ARG B 77 0.43 8.61 9.34
C ARG B 77 -0.61 9.61 8.80
N GLY B 78 -0.80 9.61 7.50
CA GLY B 78 -1.71 10.55 6.85
C GLY B 78 -1.17 11.96 6.81
N GLU B 79 0.14 12.14 6.95
CA GLU B 79 0.75 13.47 6.92
C GLU B 79 1.08 13.97 5.50
N ILE B 80 1.43 13.05 4.63
CA ILE B 80 1.75 13.40 3.25
C ILE B 80 1.14 12.39 2.31
N LYS B 81 1.03 12.79 1.04
CA LYS B 81 0.68 11.88 -0.03
C LYS B 81 1.67 12.02 -1.16
N LEU B 82 2.03 10.90 -1.79
CA LEU B 82 2.98 10.93 -2.89
C LEU B 82 2.38 11.64 -4.12
N SER B 83 1.06 11.66 -4.18
CA SER B 83 0.33 12.26 -5.30
C SER B 83 0.25 13.78 -5.20
N ASP B 84 0.65 14.32 -4.07
CA ASP B 84 0.53 15.74 -3.86
C ASP B 84 1.66 16.53 -4.51
N PRO B 85 1.34 17.75 -4.98
CA PRO B 85 2.32 18.67 -5.56
C PRO B 85 3.42 18.99 -4.54
N THR B 86 4.65 19.12 -5.04
CA THR B 86 5.79 19.55 -4.24
C THR B 86 5.45 20.83 -3.46
N THR B 87 4.80 21.77 -4.14
CA THR B 87 4.54 23.11 -3.57
C THR B 87 3.52 23.12 -2.42
N LYS B 88 2.74 22.07 -2.26
CA LYS B 88 1.84 21.93 -1.10
C LYS B 88 2.63 21.93 0.21
N TYR B 89 3.84 21.36 0.19
CA TYR B 89 4.67 21.28 1.39
C TYR B 89 5.77 22.31 1.38
N TRP B 90 5.98 22.96 0.23
CA TRP B 90 6.90 24.09 0.14
C TRP B 90 6.20 25.23 -0.59
N PRO B 91 5.33 25.97 0.12
CA PRO B 91 4.51 27.00 -0.53
C PRO B 91 5.35 28.04 -1.33
N GLU B 92 6.55 28.32 -0.85
CA GLU B 92 7.45 29.29 -1.48
C GLU B 92 8.05 28.84 -2.84
N LEU B 93 7.90 27.56 -3.17
CA LEU B 93 8.43 27.03 -4.43
C LEU B 93 7.37 27.28 -5.53
N THR B 94 7.35 28.50 -6.04
CA THR B 94 6.23 28.96 -6.89
C THR B 94 6.52 28.94 -8.41
N ALA B 95 7.78 28.72 -8.78
CA ALA B 95 8.14 28.76 -10.20
C ALA B 95 7.33 27.75 -11.05
N LYS B 96 6.94 28.15 -12.26
CA LYS B 96 5.94 27.43 -13.06
C LYS B 96 6.37 25.99 -13.46
N GLN B 97 7.68 25.75 -13.54
CA GLN B 97 8.21 24.41 -13.92
C GLN B 97 7.93 23.34 -12.86
N TRP B 98 7.49 23.77 -11.67
CA TRP B 98 7.20 22.85 -10.57
C TRP B 98 5.76 22.35 -10.61
N ASN B 99 4.94 23.02 -11.41
CA ASN B 99 3.57 22.54 -11.64
C ASN B 99 3.57 21.16 -12.25
N GLY B 100 2.97 20.21 -11.54
CA GLY B 100 2.95 18.83 -12.01
C GLY B 100 4.04 17.95 -11.42
N ILE B 101 4.98 18.54 -10.68
CA ILE B 101 6.00 17.72 -10.03
C ILE B 101 5.51 17.37 -8.61
N THR B 102 5.35 16.08 -8.35
CA THR B 102 4.80 15.59 -7.10
C THR B 102 5.86 14.97 -6.19
N LEU B 103 5.47 14.71 -4.92
CA LEU B 103 6.39 14.03 -4.00
C LEU B 103 6.89 12.70 -4.59
N LEU B 104 6.02 11.96 -5.28
CA LEU B 104 6.43 10.70 -5.93
C LEU B 104 7.65 10.92 -6.84
N HIS B 105 7.58 11.93 -7.69
CA HIS B 105 8.66 12.26 -8.66
C HIS B 105 9.95 12.55 -7.92
N LEU B 106 9.87 13.31 -6.83
CA LEU B 106 11.08 13.61 -5.98
C LEU B 106 11.67 12.35 -5.37
N ALA B 107 10.83 11.52 -4.76
CA ALA B 107 11.27 10.31 -4.10
C ALA B 107 11.92 9.30 -5.07
N THR B 108 11.53 9.34 -6.34
CA THR B 108 11.91 8.28 -7.28
C THR B 108 12.79 8.79 -8.44
N TYR B 109 13.27 10.03 -8.32
CA TYR B 109 14.20 10.61 -9.30
C TYR B 109 13.56 10.88 -10.66
N THR B 110 12.23 11.07 -10.68
CA THR B 110 11.51 11.17 -11.96
C THR B 110 10.92 12.57 -12.21
N ALA B 111 11.45 13.58 -11.51
CA ALA B 111 10.99 15.00 -11.63
C ALA B 111 11.27 15.63 -12.99
N GLY B 112 12.24 15.08 -13.72
CA GLY B 112 12.57 15.55 -15.05
C GLY B 112 13.98 16.11 -15.06
N GLY B 113 14.89 15.42 -14.38
CA GLY B 113 16.32 15.76 -14.44
C GLY B 113 16.86 16.72 -13.41
N LEU B 114 16.33 16.64 -12.19
CA LEU B 114 17.01 17.28 -11.07
C LEU B 114 18.44 16.72 -10.99
N PRO B 115 19.43 17.59 -10.70
CA PRO B 115 20.82 17.15 -10.83
C PRO B 115 21.32 16.18 -9.76
N LEU B 116 22.36 15.42 -10.13
CA LEU B 116 23.00 14.48 -9.22
C LEU B 116 23.39 15.14 -7.92
N GLN B 117 24.04 16.30 -8.01
CA GLN B 117 24.51 17.02 -6.84
C GLN B 117 23.75 18.33 -6.66
N VAL B 118 23.47 18.67 -5.39
CA VAL B 118 23.17 20.06 -4.98
C VAL B 118 24.49 20.84 -5.06
N PRO B 119 24.53 21.95 -5.83
CA PRO B 119 25.81 22.68 -5.96
C PRO B 119 26.49 23.00 -4.62
N ASP B 120 27.81 22.89 -4.63
CA ASP B 120 28.65 23.19 -3.49
C ASP B 120 28.41 24.59 -2.93
N GLU B 121 28.11 25.52 -3.83
CA GLU B 121 27.90 26.91 -3.48
C GLU B 121 26.58 27.10 -2.74
N VAL B 122 25.69 26.11 -2.82
CA VAL B 122 24.43 26.18 -2.07
C VAL B 122 24.66 25.85 -0.61
N LYS B 123 24.53 26.86 0.24
CA LYS B 123 24.70 26.64 1.68
C LYS B 123 23.36 26.82 2.39
N SER B 124 22.87 28.05 2.38
CA SER B 124 21.75 28.48 3.20
C SER B 124 20.39 28.03 2.68
N SER B 125 19.39 28.20 3.54
CA SER B 125 17.99 27.99 3.16
C SER B 125 17.64 28.79 1.92
N SER B 126 18.10 30.03 1.85
CA SER B 126 17.77 30.92 0.73
C SER B 126 18.50 30.52 -0.57
N ASP B 127 19.76 30.11 -0.45
CA ASP B 127 20.49 29.51 -1.60
C ASP B 127 19.72 28.32 -2.17
N LEU B 128 19.16 27.52 -1.28
CA LEU B 128 18.49 26.29 -1.69
C LEU B 128 17.22 26.59 -2.46
N LEU B 129 16.40 27.50 -1.94
CA LEU B 129 15.21 27.92 -2.65
C LEU B 129 15.55 28.50 -4.02
N ARG B 130 16.56 29.38 -4.09
CA ARG B 130 16.97 29.96 -5.38
C ARG B 130 17.36 28.87 -6.41
N PHE B 131 18.13 27.89 -5.94
CA PHE B 131 18.59 26.78 -6.76
C PHE B 131 17.38 26.05 -7.35
N TYR B 132 16.47 25.59 -6.50
CA TYR B 132 15.24 24.94 -7.02
C TYR B 132 14.32 25.86 -7.88
N GLN B 133 14.16 27.13 -7.47
CA GLN B 133 13.39 28.10 -8.29
C GLN B 133 14.01 28.33 -9.68
N ASN B 134 15.33 28.20 -9.77
CA ASN B 134 16.06 28.41 -11.04
C ASN B 134 16.23 27.17 -11.92
N TRP B 135 16.00 25.99 -11.35
CA TRP B 135 16.23 24.75 -12.07
C TRP B 135 15.24 24.59 -13.22
N GLN B 136 15.78 24.25 -14.40
CA GLN B 136 14.97 23.98 -15.57
C GLN B 136 15.08 22.49 -15.94
N PRO B 137 13.91 21.81 -16.02
CA PRO B 137 13.88 20.39 -16.36
C PRO B 137 14.41 20.01 -17.74
N ALA B 138 15.13 18.90 -17.79
CA ALA B 138 15.54 18.27 -19.04
C ALA B 138 14.38 17.55 -19.73
N TRP B 139 13.39 17.10 -18.93
CA TRP B 139 12.29 16.27 -19.44
C TRP B 139 11.06 16.59 -18.62
N ALA B 140 9.90 16.16 -19.12
CA ALA B 140 8.64 16.34 -18.42
C ALA B 140 8.66 15.40 -17.21
N PRO B 141 7.81 15.68 -16.22
CA PRO B 141 7.74 14.82 -15.02
C PRO B 141 7.25 13.41 -15.36
N GLY B 142 7.75 12.40 -14.65
CA GLY B 142 7.31 11.03 -14.84
C GLY B 142 7.68 10.38 -16.17
N THR B 143 8.80 10.77 -16.77
CA THR B 143 9.22 10.18 -18.05
C THR B 143 10.61 9.52 -18.02
N GLN B 144 11.51 10.10 -17.22
CA GLN B 144 12.91 9.67 -17.14
C GLN B 144 13.33 9.57 -15.69
N ARG B 145 14.10 8.54 -15.38
CA ARG B 145 14.70 8.40 -14.05
C ARG B 145 16.14 8.90 -14.15
N LEU B 146 16.51 9.88 -13.31
CA LEU B 146 17.89 10.32 -13.20
C LEU B 146 18.32 10.38 -11.74
N TYR B 147 19.13 9.41 -11.33
CA TYR B 147 19.59 9.31 -9.94
C TYR B 147 20.17 10.65 -9.45
N ALA B 148 19.66 11.15 -8.34
CA ALA B 148 19.98 12.51 -7.92
C ALA B 148 19.79 12.78 -6.41
N ASN B 149 20.84 13.26 -5.73
CA ASN B 149 20.72 13.79 -4.36
C ASN B 149 19.67 14.88 -4.26
N SER B 150 19.61 15.75 -5.27
CA SER B 150 18.73 16.92 -5.24
C SER B 150 17.26 16.53 -5.32
N SER B 151 16.99 15.30 -5.71
CA SER B 151 15.62 14.78 -5.83
C SER B 151 15.19 14.13 -4.52
N ILE B 152 15.85 13.04 -4.17
CA ILE B 152 15.55 12.34 -2.92
C ILE B 152 15.79 13.21 -1.68
N GLY B 153 16.81 14.07 -1.73
CA GLY B 153 17.11 14.99 -0.62
C GLY B 153 15.97 15.95 -0.33
N LEU B 154 15.39 16.51 -1.40
CA LEU B 154 14.21 17.36 -1.23
C LEU B 154 12.97 16.57 -0.79
N PHE B 155 12.76 15.38 -1.32
CA PHE B 155 11.71 14.52 -0.78
C PHE B 155 11.79 14.38 0.76
N GLY B 156 12.98 14.03 1.27
CA GLY B 156 13.11 13.85 2.74
C GLY B 156 12.79 15.11 3.52
N ALA B 157 13.29 16.24 3.03
CA ALA B 157 13.07 17.53 3.72
C ALA B 157 11.58 17.91 3.75
N LEU B 158 10.88 17.67 2.65
CA LEU B 158 9.46 18.02 2.58
C LEU B 158 8.58 16.97 3.27
N ALA B 159 9.01 15.71 3.25
CA ALA B 159 8.21 14.62 3.86
C ALA B 159 7.94 14.87 5.37
N VAL B 160 8.89 15.52 6.02
CA VAL B 160 8.79 15.72 7.46
C VAL B 160 8.14 17.05 7.81
N LYS B 161 7.84 17.85 6.80
CA LYS B 161 7.28 19.19 7.07
C LYS B 161 5.98 19.17 7.91
N PRO B 162 4.96 18.37 7.49
CA PRO B 162 3.75 18.33 8.31
C PRO B 162 3.90 17.92 9.78
N SER B 163 4.91 17.08 10.10
CA SER B 163 5.19 16.71 11.50
C SER B 163 5.71 17.88 12.34
N GLY B 164 6.31 18.86 11.66
CA GLY B 164 6.99 19.98 12.33
C GLY B 164 8.31 19.61 12.96
N LEU B 165 8.71 18.33 12.86
CA LEU B 165 10.02 17.90 13.36
C LEU B 165 11.09 18.17 12.31
N SER B 166 12.31 18.47 12.78
CA SER B 166 13.48 18.50 11.89
C SER B 166 13.65 17.09 11.29
N PHE B 167 14.33 17.02 10.16
CA PHE B 167 14.55 15.70 9.54
C PHE B 167 15.24 14.73 10.51
N GLU B 168 16.28 15.21 11.22
CA GLU B 168 17.01 14.39 12.15
C GLU B 168 16.12 13.88 13.31
N GLN B 169 15.31 14.76 13.89
CA GLN B 169 14.46 14.36 14.99
C GLN B 169 13.39 13.38 14.54
N ALA B 170 12.81 13.61 13.35
CA ALA B 170 11.84 12.67 12.78
C ALA B 170 12.49 11.29 12.55
N MET B 171 13.67 11.27 11.92
CA MET B 171 14.35 10.01 11.66
C MET B 171 14.66 9.26 12.96
N GLN B 172 15.19 9.97 13.94
CA GLN B 172 15.54 9.33 15.22
C GLN B 172 14.33 8.74 15.94
N THR B 173 13.27 9.53 16.06
CA THR B 173 12.13 9.17 16.88
C THR B 173 11.18 8.21 16.16
N ARG B 174 11.15 8.27 14.82
CA ARG B 174 10.17 7.47 14.07
C ARG B 174 10.76 6.21 13.45
N VAL B 175 12.07 6.20 13.23
CA VAL B 175 12.72 5.07 12.56
C VAL B 175 13.80 4.43 13.42
N PHE B 176 14.81 5.20 13.82
CA PHE B 176 15.98 4.62 14.50
C PHE B 176 15.55 4.00 15.86
N GLN B 177 14.82 4.77 16.65
CA GLN B 177 14.43 4.32 18.00
C GLN B 177 13.46 3.13 18.03
N PRO B 178 12.36 3.19 17.27
CA PRO B 178 11.47 2.05 17.29
C PRO B 178 12.16 0.74 16.89
N LEU B 179 13.16 0.81 16.01
CA LEU B 179 13.89 -0.36 15.55
C LEU B 179 15.14 -0.68 16.37
N LYS B 180 15.36 0.12 17.43
CA LYS B 180 16.48 -0.05 18.37
C LYS B 180 17.83 0.01 17.64
N LEU B 181 17.91 0.95 16.73
CA LEU B 181 19.18 1.26 16.07
C LEU B 181 19.90 2.26 16.96
N ASN B 182 20.52 1.76 18.02
CA ASN B 182 21.07 2.60 19.07
C ASN B 182 22.46 3.22 18.77
N HIS B 183 23.06 2.84 17.64
CA HIS B 183 24.40 3.31 17.24
C HIS B 183 24.37 3.77 15.77
N THR B 184 23.27 4.44 15.42
CA THR B 184 23.01 4.94 14.08
C THR B 184 22.69 6.43 14.21
N TRP B 185 23.40 7.27 13.44
CA TRP B 185 23.39 8.73 13.61
C TRP B 185 23.47 9.45 12.27
N ILE B 186 22.75 10.57 12.17
CA ILE B 186 22.95 11.53 11.12
C ILE B 186 24.13 12.44 11.51
N ASN B 187 24.17 12.84 12.78
CA ASN B 187 25.30 13.58 13.35
C ASN B 187 25.91 12.77 14.48
N VAL B 188 27.16 12.34 14.28
CA VAL B 188 27.82 11.48 15.26
C VAL B 188 28.13 12.29 16.53
N PRO B 189 27.56 11.87 17.69
CA PRO B 189 27.78 12.66 18.92
C PRO B 189 29.19 12.42 19.50
N PRO B 190 29.67 13.33 20.36
CA PRO B 190 31.04 13.18 20.91
C PRO B 190 31.35 11.79 21.48
N ALA B 191 30.39 11.19 22.18
CA ALA B 191 30.56 9.86 22.79
C ALA B 191 30.82 8.74 21.78
N GLU B 192 30.38 8.93 20.54
CA GLU B 192 30.60 7.94 19.50
C GLU B 192 31.81 8.21 18.61
N GLU B 193 32.48 9.35 18.80
CA GLU B 193 33.62 9.71 17.92
C GLU B 193 34.71 8.63 17.92
N LYS B 194 35.00 8.03 19.08
CA LYS B 194 36.02 6.97 19.17
C LYS B 194 35.70 5.72 18.33
N ASN B 195 34.40 5.49 18.09
CA ASN B 195 33.93 4.38 17.26
C ASN B 195 33.74 4.72 15.76
N TYR B 196 33.90 5.99 15.40
CA TYR B 196 33.64 6.47 14.05
C TYR B 196 34.88 6.21 13.20
N ALA B 197 34.79 5.20 12.32
CA ALA B 197 35.89 4.86 11.41
C ALA B 197 36.30 6.08 10.60
N TRP B 198 37.60 6.16 10.28
CA TRP B 198 38.04 7.03 9.20
C TRP B 198 37.78 6.38 7.85
N GLY B 199 37.45 7.20 6.87
CA GLY B 199 37.40 6.76 5.50
C GLY B 199 38.75 7.01 4.87
N TYR B 200 39.06 6.27 3.82
CA TYR B 200 40.37 6.42 3.16
C TYR B 200 40.22 6.67 1.66
N ARG B 201 40.69 7.84 1.23
CA ARG B 201 40.67 8.23 -0.15
C ARG B 201 42.08 8.64 -0.53
N GLU B 202 42.63 7.95 -1.53
CA GLU B 202 44.04 8.10 -1.96
C GLU B 202 44.98 8.16 -0.75
N GLY B 203 44.82 7.16 0.12
CA GLY B 203 45.63 7.05 1.32
C GLY B 203 45.36 7.99 2.48
N LYS B 204 44.50 8.99 2.30
CA LYS B 204 44.22 10.02 3.31
CA LYS B 204 44.22 10.00 3.32
C LYS B 204 42.94 9.71 4.09
N ALA B 205 43.00 9.93 5.41
CA ALA B 205 41.86 9.72 6.31
C ALA B 205 40.86 10.86 6.10
N VAL B 206 39.60 10.52 5.78
CA VAL B 206 38.60 11.55 5.46
C VAL B 206 37.23 11.20 6.09
N HIS B 207 36.46 12.23 6.38
CA HIS B 207 35.05 12.08 6.71
C HIS B 207 34.25 12.92 5.73
N VAL B 208 33.00 12.50 5.48
CA VAL B 208 32.12 13.23 4.56
C VAL B 208 32.00 14.71 4.95
N SER B 209 32.05 15.60 3.97
CA SER B 209 31.88 17.04 4.24
C SER B 209 30.41 17.45 4.33
N PRO B 210 30.11 18.48 5.14
CA PRO B 210 28.74 18.97 5.22
C PRO B 210 28.32 19.47 3.86
N GLY B 211 27.04 19.32 3.53
CA GLY B 211 26.50 19.71 2.24
C GLY B 211 25.00 19.86 2.36
N ALA B 212 24.39 20.64 1.48
CA ALA B 212 22.94 20.87 1.50
C ALA B 212 22.23 19.54 1.29
N LEU B 213 21.23 19.27 2.13
CA LEU B 213 20.38 18.07 2.04
C LEU B 213 21.22 16.79 2.21
N ASP B 214 22.36 16.94 2.90
CA ASP B 214 23.24 15.79 3.13
C ASP B 214 22.56 14.70 3.98
N ALA B 215 21.91 15.09 5.08
CA ALA B 215 21.29 14.11 5.98
C ALA B 215 20.27 13.26 5.20
N GLU B 216 19.52 13.94 4.31
CA GLU B 216 18.42 13.31 3.58
C GLU B 216 18.88 12.38 2.46
N ALA B 217 20.05 12.68 1.85
CA ALA B 217 20.52 11.91 0.70
C ALA B 217 21.64 10.91 1.02
N TYR B 218 22.57 11.26 1.90
CA TYR B 218 23.77 10.43 2.05
C TYR B 218 24.43 10.53 3.45
N GLY B 219 23.65 10.96 4.44
CA GLY B 219 24.24 11.44 5.71
C GLY B 219 24.27 10.52 6.92
N VAL B 220 23.79 9.31 6.76
CA VAL B 220 23.69 8.41 7.91
C VAL B 220 25.00 7.64 8.11
N LYS B 221 25.36 7.47 9.39
CA LYS B 221 26.45 6.60 9.80
C LYS B 221 25.90 5.52 10.70
N SER B 222 26.37 4.30 10.54
CA SER B 222 25.84 3.18 11.29
C SER B 222 26.86 2.04 11.51
N THR B 223 26.54 1.17 12.45
CA THR B 223 27.37 -0.01 12.76
C THR B 223 26.86 -1.24 11.98
N ILE B 224 27.70 -2.27 11.88
CA ILE B 224 27.30 -3.51 11.24
C ILE B 224 26.12 -4.16 11.96
N GLU B 225 26.09 -4.08 13.29
CA GLU B 225 24.97 -4.65 14.06
C GLU B 225 23.65 -3.91 13.82
N ASP B 226 23.70 -2.59 13.80
CA ASP B 226 22.47 -1.82 13.49
C ASP B 226 22.01 -2.07 12.07
N MET B 227 22.94 -2.15 11.14
CA MET B 227 22.56 -2.42 9.75
C MET B 227 21.97 -3.82 9.53
N ALA B 228 22.48 -4.81 10.26
CA ALA B 228 21.85 -6.13 10.27
C ALA B 228 20.39 -6.05 10.75
N ARG B 229 20.17 -5.27 11.80
CA ARG B 229 18.81 -5.04 12.31
C ARG B 229 17.93 -4.31 11.27
N TRP B 230 18.53 -3.35 10.58
CA TRP B 230 17.87 -2.65 9.47
C TRP B 230 17.40 -3.63 8.39
N VAL B 231 18.30 -4.53 7.97
CA VAL B 231 17.92 -5.58 7.03
C VAL B 231 16.81 -6.49 7.57
N GLN B 232 16.93 -6.93 8.83
CA GLN B 232 15.88 -7.80 9.41
C GLN B 232 14.50 -7.13 9.39
N SER B 233 14.47 -5.82 9.67
CA SER B 233 13.24 -5.02 9.72
C SER B 233 12.62 -4.90 8.31
N ASN B 234 13.48 -4.75 7.31
CA ASN B 234 13.05 -4.66 5.92
C ASN B 234 12.69 -6.01 5.31
N LEU B 235 13.30 -7.09 5.82
CA LEU B 235 12.92 -8.45 5.46
C LEU B 235 11.56 -8.86 5.99
N LYS B 236 11.23 -8.42 7.19
CA LYS B 236 10.06 -8.94 7.88
C LYS B 236 9.33 -7.78 8.55
N PRO B 237 8.74 -6.88 7.76
CA PRO B 237 8.12 -5.67 8.36
C PRO B 237 6.89 -5.91 9.27
N LEU B 238 6.18 -7.04 9.10
CA LEU B 238 5.05 -7.41 9.99
C LEU B 238 5.45 -7.72 11.44
N ASP B 239 6.72 -8.01 11.67
CA ASP B 239 7.24 -8.18 13.03
C ASP B 239 7.37 -6.86 13.80
N ILE B 240 7.29 -5.74 13.07
CA ILE B 240 7.44 -4.41 13.65
C ILE B 240 6.15 -4.00 14.33
N ASN B 241 6.26 -3.59 15.59
CA ASN B 241 5.07 -3.25 16.40
C ASN B 241 4.36 -1.97 15.96
N GLU B 242 5.15 -0.98 15.58
CA GLU B 242 4.63 0.34 15.28
C GLU B 242 3.96 0.30 13.92
N LYS B 243 2.64 0.54 13.89
CA LYS B 243 1.85 0.28 12.69
C LYS B 243 2.28 1.12 11.49
N THR B 244 2.47 2.41 11.70
CA THR B 244 2.84 3.27 10.57
C THR B 244 4.25 2.93 10.02
N LEU B 245 5.13 2.45 10.89
CA LEU B 245 6.51 2.11 10.47
C LEU B 245 6.49 0.81 9.69
N GLN B 246 5.71 -0.16 10.15
CA GLN B 246 5.43 -1.37 9.37
C GLN B 246 4.97 -1.03 7.96
N GLN B 247 4.00 -0.12 7.87
CA GLN B 247 3.47 0.28 6.56
C GLN B 247 4.50 1.07 5.73
N GLY B 248 5.28 1.92 6.39
CA GLY B 248 6.33 2.69 5.73
C GLY B 248 7.35 1.81 5.05
N ILE B 249 7.79 0.77 5.75
CA ILE B 249 8.70 -0.22 5.20
C ILE B 249 8.11 -0.89 3.96
N GLN B 250 6.85 -1.30 4.06
CA GLN B 250 6.17 -1.93 2.93
C GLN B 250 6.05 -0.96 1.74
N LEU B 251 5.69 0.30 2.00
CA LEU B 251 5.59 1.33 0.95
C LEU B 251 6.92 1.67 0.26
N ALA B 252 8.02 1.58 1.01
CA ALA B 252 9.34 1.82 0.42
C ALA B 252 9.75 0.74 -0.57
N GLN B 253 9.20 -0.48 -0.40
CA GLN B 253 9.45 -1.58 -1.32
C GLN B 253 8.37 -1.78 -2.39
N SER B 254 7.39 -0.89 -2.44
CA SER B 254 6.45 -0.88 -3.57
C SER B 254 7.16 -0.53 -4.88
N ARG B 255 6.66 -1.07 -5.99
CA ARG B 255 7.29 -0.83 -7.29
C ARG B 255 6.52 0.29 -8.00
N TYR B 256 7.14 1.45 -8.10
CA TYR B 256 6.50 2.66 -8.68
C TYR B 256 6.79 2.87 -10.19
N TRP B 257 8.01 2.51 -10.59
CA TRP B 257 8.49 2.67 -11.96
C TRP B 257 9.34 1.47 -12.29
N GLN B 258 9.34 1.11 -13.58
CA GLN B 258 10.26 0.12 -14.11
C GLN B 258 11.15 0.72 -15.20
N THR B 259 12.45 0.43 -15.12
CA THR B 259 13.37 0.64 -16.24
C THR B 259 14.17 -0.63 -16.39
N GLY B 260 14.13 -1.22 -17.59
CA GLY B 260 14.78 -2.52 -17.81
C GLY B 260 14.22 -3.57 -16.87
N ASP B 261 15.09 -4.28 -16.15
CA ASP B 261 14.59 -5.30 -15.24
C ASP B 261 14.57 -4.81 -13.78
N MET B 262 14.75 -3.50 -13.57
CA MET B 262 14.70 -2.94 -12.20
C MET B 262 13.51 -2.06 -11.95
N TYR B 263 13.11 -2.00 -10.68
CA TYR B 263 11.95 -1.26 -10.22
C TYR B 263 12.42 -0.29 -9.15
N GLN B 264 11.94 0.94 -9.23
CA GLN B 264 12.28 1.96 -8.25
C GLN B 264 11.26 1.98 -7.10
N GLY B 265 11.78 1.83 -5.89
CA GLY B 265 10.97 2.01 -4.67
C GLY B 265 11.24 3.37 -4.08
N LEU B 266 11.00 3.52 -2.76
CA LEU B 266 11.39 4.75 -2.09
C LEU B 266 12.72 4.46 -1.44
N GLY B 267 13.79 4.94 -2.05
CA GLY B 267 15.15 4.60 -1.58
C GLY B 267 15.63 3.25 -2.11
N TRP B 268 14.95 2.16 -1.74
CA TRP B 268 15.27 0.83 -2.26
C TRP B 268 15.04 0.73 -3.76
N GLU B 269 15.83 -0.14 -4.38
CA GLU B 269 15.58 -0.55 -5.76
C GLU B 269 15.38 -2.07 -5.72
N MET B 270 14.59 -2.59 -6.65
CA MET B 270 14.16 -4.00 -6.61
C MET B 270 14.21 -4.66 -8.00
N LEU B 271 14.53 -5.96 -8.01
CA LEU B 271 14.41 -6.78 -9.21
C LEU B 271 13.70 -8.08 -8.81
N ASP B 272 13.00 -8.69 -9.74
CA ASP B 272 12.44 -10.00 -9.48
C ASP B 272 13.52 -11.04 -9.20
N TRP B 273 13.24 -11.89 -8.20
CA TRP B 273 14.08 -13.04 -7.89
C TRP B 273 13.47 -14.29 -8.58
N PRO B 274 14.29 -15.12 -9.25
CA PRO B 274 15.74 -15.02 -9.37
C PRO B 274 16.18 -13.93 -10.33
N VAL B 275 17.34 -13.38 -10.03
CA VAL B 275 17.88 -12.26 -10.78
C VAL B 275 18.93 -12.76 -11.74
N ASN B 276 19.11 -12.02 -12.81
CA ASN B 276 20.27 -12.23 -13.63
C ASN B 276 21.45 -11.48 -13.00
N PRO B 277 22.49 -12.21 -12.51
CA PRO B 277 23.57 -11.50 -11.83
C PRO B 277 24.28 -10.46 -12.67
N ASP B 278 24.50 -10.73 -13.95
CA ASP B 278 25.24 -9.78 -14.79
C ASP B 278 24.47 -8.46 -14.81
N SER B 279 23.15 -8.57 -14.76
CA SER B 279 22.30 -7.40 -14.79
C SER B 279 22.46 -6.48 -13.58
N ILE B 280 22.32 -7.03 -12.36
CA ILE B 280 22.65 -6.24 -11.17
C ILE B 280 24.12 -5.83 -11.07
N ILE B 281 25.04 -6.71 -11.48
CA ILE B 281 26.46 -6.36 -11.37
C ILE B 281 26.82 -5.23 -12.32
N ASN B 282 26.54 -5.42 -13.62
CA ASN B 282 26.78 -4.37 -14.60
C ASN B 282 25.94 -3.12 -14.36
N GLY B 283 24.69 -3.29 -13.95
CA GLY B 283 23.78 -2.16 -13.75
C GLY B 283 24.23 -1.27 -12.61
N SER B 284 25.09 -1.81 -11.75
CA SER B 284 25.56 -1.05 -10.59
C SER B 284 26.73 -0.12 -10.92
N ASP B 285 27.40 -0.33 -12.05
CA ASP B 285 28.47 0.54 -12.54
C ASP B 285 27.89 1.92 -12.70
N ASN B 286 28.58 2.94 -12.20
CA ASN B 286 28.09 4.31 -12.28
C ASN B 286 27.82 4.85 -13.69
N LYS B 287 28.47 4.29 -14.69
CA LYS B 287 28.15 4.69 -16.06
C LYS B 287 26.69 4.37 -16.44
N ILE B 288 26.11 3.34 -15.82
CA ILE B 288 24.70 2.98 -16.00
C ILE B 288 23.83 3.60 -14.88
N ALA B 289 24.23 3.36 -13.62
CA ALA B 289 23.44 3.73 -12.46
C ALA B 289 23.22 5.25 -12.37
N LEU B 290 24.13 6.04 -12.92
CA LEU B 290 24.00 7.50 -12.91
C LEU B 290 23.43 8.08 -14.20
N ALA B 291 23.08 7.22 -15.16
CA ALA B 291 22.58 7.69 -16.48
C ALA B 291 21.07 7.81 -16.48
N ALA B 292 20.55 8.73 -17.28
CA ALA B 292 19.11 8.81 -17.46
C ALA B 292 18.61 7.55 -18.17
N ARG B 293 17.45 7.06 -17.71
CA ARG B 293 16.78 5.90 -18.30
CA ARG B 293 16.79 5.91 -18.32
C ARG B 293 15.28 6.16 -18.37
N PRO B 294 14.62 5.78 -19.48
CA PRO B 294 13.18 5.96 -19.56
C PRO B 294 12.43 5.04 -18.59
N VAL B 295 11.42 5.55 -17.93
CA VAL B 295 10.66 4.72 -16.97
C VAL B 295 9.25 4.47 -17.46
N LYS B 296 8.73 3.29 -17.17
CA LYS B 296 7.32 2.97 -17.33
CA LYS B 296 7.31 2.99 -17.32
C LYS B 296 6.67 3.06 -15.95
N ALA B 297 5.61 3.86 -15.84
CA ALA B 297 4.81 3.93 -14.59
C ALA B 297 4.16 2.58 -14.32
N ILE B 298 4.18 2.16 -13.05
CA ILE B 298 3.46 0.95 -12.63
C ILE B 298 2.18 1.48 -11.97
N THR B 299 1.05 1.32 -12.67
CA THR B 299 -0.18 2.07 -12.39
C THR B 299 -1.32 1.12 -12.05
N PRO B 300 -1.60 0.89 -10.75
CA PRO B 300 -0.98 1.44 -9.54
C PRO B 300 0.27 0.62 -9.18
N PRO B 301 1.06 1.13 -8.22
CA PRO B 301 2.30 0.47 -7.82
C PRO B 301 2.05 -0.93 -7.27
N THR B 302 2.96 -1.85 -7.58
CA THR B 302 2.89 -3.22 -7.07
C THR B 302 3.35 -3.21 -5.61
N PRO B 303 2.53 -3.78 -4.69
CA PRO B 303 2.98 -3.84 -3.30
C PRO B 303 4.22 -4.73 -3.24
N ALA B 304 4.98 -4.56 -2.15
CA ALA B 304 6.21 -5.31 -1.93
C ALA B 304 6.15 -6.79 -2.34
N VAL B 305 6.98 -7.15 -3.32
CA VAL B 305 7.07 -8.53 -3.80
C VAL B 305 8.06 -9.30 -2.94
N ARG B 306 7.60 -10.38 -2.29
CA ARG B 306 8.54 -11.19 -1.50
C ARG B 306 9.66 -11.80 -2.34
N ALA B 307 9.34 -12.26 -3.55
CA ALA B 307 10.34 -12.85 -4.43
C ALA B 307 11.09 -11.72 -5.17
N SER B 308 11.85 -10.93 -4.40
CA SER B 308 12.62 -9.83 -4.99
C SER B 308 14.03 -9.85 -4.46
N TRP B 309 14.98 -9.37 -5.28
CA TRP B 309 16.30 -8.93 -4.83
C TRP B 309 16.11 -7.42 -4.54
N VAL B 310 16.26 -7.01 -3.28
CA VAL B 310 16.05 -5.61 -2.92
C VAL B 310 17.42 -5.12 -2.48
N HIS B 311 17.85 -3.95 -2.94
CA HIS B 311 19.25 -3.55 -2.70
C HIS B 311 19.51 -2.05 -2.85
N LYS B 312 20.68 -1.63 -2.37
CA LYS B 312 21.11 -0.25 -2.53
C LYS B 312 22.64 -0.18 -2.32
N THR B 313 23.32 0.46 -3.25
CA THR B 313 24.74 0.85 -3.09
C THR B 313 24.87 2.21 -2.37
N GLY B 314 25.99 2.44 -1.68
CA GLY B 314 26.26 3.76 -1.12
C GLY B 314 27.76 4.08 -1.17
N ALA B 315 28.08 5.35 -1.35
CA ALA B 315 29.48 5.80 -1.33
C ALA B 315 29.57 7.20 -0.76
N THR B 316 30.63 7.46 0.00
CA THR B 316 31.08 8.83 0.25
C THR B 316 32.53 8.85 -0.26
N GLY B 317 33.25 9.95 -0.09
CA GLY B 317 34.64 10.02 -0.59
C GLY B 317 35.50 8.90 -0.04
N GLY B 318 35.30 8.55 1.23
CA GLY B 318 36.11 7.53 1.85
C GLY B 318 35.46 6.18 2.17
N PHE B 319 34.22 5.93 1.72
CA PHE B 319 33.50 4.75 2.19
C PHE B 319 32.69 4.13 1.05
N GLY B 320 32.48 2.82 1.11
CA GLY B 320 31.63 2.15 0.13
C GLY B 320 30.81 1.12 0.86
N SER B 321 29.50 1.15 0.62
CA SER B 321 28.59 0.26 1.34
C SER B 321 27.68 -0.46 0.35
N TYR B 322 27.12 -1.59 0.77
CA TYR B 322 26.13 -2.27 -0.03
C TYR B 322 25.22 -3.05 0.88
N VAL B 323 23.92 -3.06 0.55
CA VAL B 323 22.92 -3.83 1.30
C VAL B 323 22.03 -4.53 0.26
N ALA B 324 21.77 -5.82 0.43
CA ALA B 324 20.87 -6.58 -0.47
C ALA B 324 20.15 -7.62 0.34
N PHE B 325 18.89 -7.88 0.02
CA PHE B 325 18.14 -8.94 0.70
C PHE B 325 17.02 -9.49 -0.16
N ILE B 326 16.60 -10.72 0.17
CA ILE B 326 15.57 -11.42 -0.59
C ILE B 326 14.52 -11.84 0.40
N PRO B 327 13.41 -11.08 0.49
CA PRO B 327 12.44 -11.40 1.55
C PRO B 327 11.89 -12.83 1.58
N GLU B 328 11.62 -13.41 0.42
CA GLU B 328 11.16 -14.82 0.31
C GLU B 328 12.11 -15.82 0.99
N LYS B 329 13.41 -15.52 0.95
CA LYS B 329 14.42 -16.43 1.45
C LYS B 329 14.87 -16.10 2.87
N GLU B 330 14.38 -15.00 3.43
CA GLU B 330 14.77 -14.54 4.75
C GLU B 330 16.29 -14.34 4.79
N LEU B 331 16.82 -13.78 3.72
CA LEU B 331 18.27 -13.82 3.49
C LEU B 331 18.76 -12.42 3.16
N GLY B 332 19.92 -12.01 3.66
CA GLY B 332 20.38 -10.66 3.32
C GLY B 332 21.84 -10.49 3.65
N ILE B 333 22.43 -9.40 3.16
CA ILE B 333 23.84 -9.09 3.46
C ILE B 333 24.02 -7.58 3.59
N VAL B 334 24.96 -7.18 4.45
CA VAL B 334 25.41 -5.79 4.56
C VAL B 334 26.93 -5.85 4.45
N MET B 335 27.49 -5.00 3.59
CA MET B 335 28.95 -4.89 3.46
C MET B 335 29.35 -3.41 3.66
N LEU B 336 30.10 -3.13 4.71
CA LEU B 336 30.52 -1.75 5.03
C LEU B 336 32.05 -1.72 4.98
N ALA B 337 32.59 -0.83 4.16
CA ALA B 337 34.04 -0.65 3.97
C ALA B 337 34.43 0.82 4.10
N ASN B 338 35.58 1.08 4.72
CA ASN B 338 36.11 2.45 4.75
C ASN B 338 37.09 2.75 3.60
N LYS B 339 36.71 2.33 2.41
CA LYS B 339 37.24 2.80 1.13
C LYS B 339 36.12 2.69 0.10
N ASN B 340 35.99 3.72 -0.74
CA ASN B 340 35.04 3.71 -1.84
C ASN B 340 35.58 2.94 -3.05
N TYR B 341 35.22 1.66 -3.14
CA TYR B 341 35.70 0.80 -4.23
C TYR B 341 34.55 0.52 -5.22
N PRO B 342 34.85 0.08 -6.47
CA PRO B 342 33.80 -0.02 -7.50
C PRO B 342 32.56 -0.84 -7.12
N ASN B 343 31.40 -0.29 -7.44
CA ASN B 343 30.12 -0.96 -7.23
C ASN B 343 30.04 -2.39 -7.74
N PRO B 344 30.45 -2.63 -9.00
CA PRO B 344 30.31 -4.02 -9.48
C PRO B 344 31.02 -5.08 -8.60
N ALA B 345 32.18 -4.73 -8.02
CA ALA B 345 32.88 -5.65 -7.13
C ALA B 345 32.06 -5.99 -5.87
N ARG B 346 31.36 -4.99 -5.31
CA ARG B 346 30.45 -5.17 -4.19
C ARG B 346 29.31 -6.12 -4.54
N VAL B 347 28.67 -5.86 -5.68
CA VAL B 347 27.47 -6.61 -6.05
C VAL B 347 27.83 -8.04 -6.42
N ASP B 348 28.95 -8.18 -7.13
CA ASP B 348 29.45 -9.50 -7.47
C ASP B 348 29.67 -10.36 -6.22
N ALA B 349 30.34 -9.78 -5.22
CA ALA B 349 30.65 -10.50 -3.97
C ALA B 349 29.37 -10.85 -3.23
N ALA B 350 28.46 -9.89 -3.17
CA ALA B 350 27.16 -10.14 -2.53
C ALA B 350 26.38 -11.23 -3.23
N TRP B 351 26.40 -11.22 -4.57
CA TRP B 351 25.67 -12.25 -5.29
C TRP B 351 26.31 -13.64 -5.08
N GLN B 352 27.64 -13.72 -5.06
CA GLN B 352 28.33 -15.00 -4.75
C GLN B 352 27.88 -15.59 -3.41
N ILE B 353 27.74 -14.72 -2.41
CA ILE B 353 27.39 -15.16 -1.07
C ILE B 353 25.93 -15.58 -0.97
N LEU B 354 25.02 -14.70 -1.42
CA LEU B 354 23.58 -14.97 -1.27
C LEU B 354 23.11 -16.12 -2.17
N ASN B 355 23.67 -16.20 -3.38
CA ASN B 355 23.35 -17.30 -4.29
C ASN B 355 23.76 -18.64 -3.72
N ALA B 356 24.91 -18.66 -3.03
CA ALA B 356 25.41 -19.87 -2.37
C ALA B 356 24.48 -20.32 -1.26
N LEU B 357 23.84 -19.36 -0.58
CA LEU B 357 23.09 -19.64 0.64
C LEU B 357 21.58 -19.81 0.44
N GLN B 358 21.06 -19.36 -0.72
CA GLN B 358 19.61 -19.43 -0.98
C GLN B 358 19.16 -20.83 -1.31
B BZB C . -25.75 -3.07 -5.83
O1 BZB C . -25.56 -1.60 -5.91
O2 BZB C . -26.64 -3.46 -4.69
C1 BZB C . -26.49 -3.53 -7.11
C1 BZB C . -26.45 -3.59 -7.13
C2 BZB C . -27.01 -2.63 -8.05
C2 BZB C . -26.94 -4.91 -7.22
C8 BZB C . -27.59 -4.88 -8.86
C8 BZB C . -27.50 -3.86 -9.38
C3 BZB C . -27.65 -3.41 -9.10
C3 BZB C . -27.55 -5.08 -8.53
C7 BZB C . -28.16 -5.78 -9.76
C7 BZB C . -28.02 -3.84 -10.66
S BZB C . -26.76 -5.22 -7.42
S BZB C . -26.72 -2.61 -8.55
C4 BZB C . -28.29 -2.95 -10.25
C4 BZB C . -28.17 -6.22 -9.06
C6 BZB C . -28.80 -5.25 -10.90
C6 BZB C . -28.63 -5.01 -11.14
C5 BZB C . -28.85 -3.87 -11.14
C5 BZB C . -28.70 -6.18 -10.36
P PO4 D . -24.16 -22.96 14.44
O1 PO4 D . -22.64 -22.96 14.49
O2 PO4 D . -24.66 -22.54 13.07
O3 PO4 D . -24.69 -24.33 14.74
O4 PO4 D . -24.65 -21.97 15.48
B BZB E . 25.33 7.98 -3.05
O1 BZB E . 25.14 7.19 -4.28
O2 BZB E . 26.31 7.32 -2.12
C1 BZB E . 25.91 9.37 -3.40
C1 BZB E . 25.87 9.42 -3.37
C2 BZB E . 26.30 9.77 -4.70
C2 BZB E . 26.42 10.25 -2.37
C8 BZB E . 26.86 11.66 -3.23
C8 BZB E . 26.62 11.58 -4.42
C3 BZB E . 26.84 11.12 -4.61
C3 BZB E . 26.86 11.50 -2.98
C7 BZB E . 27.34 12.94 -2.94
C7 BZB E . 26.99 12.71 -5.15
S BZB E . 26.21 10.54 -2.15
S BZB E . 25.90 10.15 -4.96
C4 BZB E . 27.35 11.92 -5.63
C4 BZB E . 27.44 12.61 -2.34
C6 BZB E . 27.82 13.71 -4.01
C6 BZB E . 27.58 13.80 -4.48
C5 BZB E . 27.82 13.21 -5.33
C5 BZB E . 27.80 13.74 -3.08
K K F . -0.62 5.21 -10.09
#